data_4HXF
#
_entry.id   4HXF
#
_cell.length_a   184.057
_cell.length_b   184.057
_cell.length_c   145.529
_cell.angle_alpha   90.00
_cell.angle_beta   90.00
_cell.angle_gamma   120.00
#
_symmetry.space_group_name_H-M   'H 3 2'
#
loop_
_entity.id
_entity.type
_entity.pdbx_description
1 polymer 'Putative uncharacterized protein PH0594'
2 non-polymer N-[(benzyloxy)carbonyl]glycyl-N-[(2S,3R)-4-chloro-3-hydroxy-1-phenylbutan-2-yl]glycinamide
3 non-polymer 'MAGNESIUM ION'
4 non-polymer HEXANE-1,6-DIOL
5 non-polymer 'CHLORIDE ION'
6 water water
#
_entity_poly.entity_id   1
_entity_poly.type   'polypeptide(L)'
_entity_poly.pdbx_seq_one_letter_code
;MTSIEWDEKTFTKFAYLSDPRTRKNLVAYVLTKANLESNKYENTIVIENLEDGSRKFIEDASMPRISPDGKKIAFMRFNE
EKKTAQIWVADLKTLSAKKVLEAKNIRSIEWNQDSRRLLAVGFKRREDEDFIFEDDVPAWFDNMGFFDGEKTTFWVIDTE
GEEVIEQFEKPRFSSGIWHGDSIVVSVPHRDVIPRYFKYWDIYLWKDGEEEKLFEKVSFYAIDSDGERILLYGKPEKKYV
SEHDKIYIYDGEVKGILDDIDREVAQAKIRNGKVYFTLFEEGSVNLYLWDGEVREIAKGKHWIMGFDADERLIYLKETAT
RPAELYLWDGEERQLTDYNGLIFKKLKTFEPRHFRFKSIDLELDGWYIKPEIKEGEKAPVIVFVHGGPKGMYGYYFKYEM
QLMASKGYYIVYVNPRGSNGYSEDFALRVLERTGLEDFQDILNGIEEFLRLEPQADRERIGITGISYGGYMTNWALTQSD
LFKAGISENGISYWLTSYAFSDIGLWFDKEVIGDNPLENENYRKLSPLFYAKNVKAPLLLIHSLEDYRCPLDQSLMFYHV
LKDLGKEVYIAIFKKGAHGHSIRGSPRHRMKRYKLFMEFFERKLKKYEEGFDVEKILKEEKK
;
_entity_poly.pdbx_strand_id   B
#
loop_
_chem_comp.id
_chem_comp.type
_chem_comp.name
_chem_comp.formula
CL non-polymer 'CHLORIDE ION' 'Cl -1'
HEZ non-polymer HEXANE-1,6-DIOL 'C6 H14 O2'
MG non-polymer 'MAGNESIUM ION' 'Mg 2'
Y3A non-polymer N-[(benzyloxy)carbonyl]glycyl-N-[(2S,3R)-4-chloro-3-hydroxy-1-phenylbutan-2-yl]glycinamide 'C22 H26 Cl N3 O5'
#
# COMPACT_ATOMS: atom_id res chain seq x y z
N ILE A 4 26.36 -12.22 1.76
CA ILE A 4 25.11 -11.48 2.19
C ILE A 4 24.74 -11.73 3.68
N GLU A 5 24.59 -10.65 4.49
CA GLU A 5 24.29 -10.73 5.96
C GLU A 5 23.02 -9.86 6.21
N TRP A 6 22.20 -10.08 7.30
CA TRP A 6 21.09 -9.14 7.59
C TRP A 6 21.55 -7.92 8.35
N ASP A 7 21.23 -6.77 7.83
CA ASP A 7 21.54 -5.51 8.50
C ASP A 7 20.68 -4.45 7.78
N GLU A 8 21.01 -3.19 8.00
CA GLU A 8 20.22 -2.08 7.52
C GLU A 8 20.35 -1.87 6.00
N LYS A 9 21.24 -2.62 5.32
CA LYS A 9 21.47 -2.46 3.87
C LYS A 9 20.97 -3.64 3.09
N THR A 10 20.58 -4.72 3.76
CA THR A 10 20.25 -5.93 3.00
C THR A 10 19.13 -5.73 1.93
N PHE A 11 18.23 -4.78 2.20
CA PHE A 11 17.04 -4.55 1.32
C PHE A 11 17.56 -4.09 -0.06
N THR A 12 18.76 -3.59 -0.14
CA THR A 12 19.30 -3.14 -1.40
C THR A 12 19.74 -4.25 -2.30
N LYS A 13 19.90 -5.44 -1.77
CA LYS A 13 20.46 -6.58 -2.51
C LYS A 13 19.29 -7.27 -3.25
N PHE A 14 18.03 -6.96 -2.96
CA PHE A 14 16.92 -7.66 -3.62
C PHE A 14 16.50 -7.03 -4.93
N ALA A 15 15.96 -7.87 -5.81
CA ALA A 15 15.32 -7.39 -7.05
C ALA A 15 13.89 -7.23 -6.77
N TYR A 16 13.28 -6.06 -7.16
CA TYR A 16 11.91 -5.81 -6.85
C TYR A 16 11.13 -5.76 -8.19
N LEU A 17 10.16 -6.63 -8.31
CA LEU A 17 9.38 -6.72 -9.52
C LEU A 17 7.99 -6.09 -9.35
N SER A 18 7.53 -5.47 -10.43
CA SER A 18 6.19 -4.83 -10.41
C SER A 18 5.59 -4.72 -11.81
N ASP A 19 4.27 -4.44 -11.84
CA ASP A 19 3.56 -3.98 -13.09
C ASP A 19 3.62 -5.05 -14.21
N PRO A 20 3.23 -6.30 -13.93
CA PRO A 20 3.18 -7.33 -14.94
C PRO A 20 2.12 -7.01 -16.03
N ARG A 21 2.49 -7.25 -17.27
CA ARG A 21 1.62 -7.06 -18.46
C ARG A 21 1.82 -8.19 -19.36
N THR A 22 0.77 -8.65 -20.05
CA THR A 22 0.94 -9.71 -20.97
C THR A 22 0.01 -9.48 -22.23
N ARG A 23 0.56 -9.78 -23.41
CA ARG A 23 -0.24 -9.79 -24.68
C ARG A 23 0.35 -10.89 -25.47
N LYS A 24 -0.50 -11.79 -25.98
CA LYS A 24 0.05 -12.94 -26.63
C LYS A 24 1.03 -13.89 -25.95
N ASN A 25 2.16 -14.13 -26.62
CA ASN A 25 3.25 -14.92 -26.10
C ASN A 25 4.28 -14.11 -25.23
N LEU A 26 4.01 -12.82 -25.05
CA LEU A 26 4.97 -11.93 -24.33
C LEU A 26 4.48 -11.55 -22.90
N VAL A 27 5.45 -11.38 -21.98
CA VAL A 27 5.23 -10.82 -20.68
CA VAL A 27 5.18 -10.74 -20.69
C VAL A 27 6.15 -9.64 -20.53
N ALA A 28 5.70 -8.54 -19.94
CA ALA A 28 6.60 -7.43 -19.60
C ALA A 28 6.38 -7.13 -18.15
N TYR A 29 7.45 -6.62 -17.51
CA TYR A 29 7.36 -6.21 -16.11
C TYR A 29 8.48 -5.29 -15.81
N VAL A 30 8.53 -4.65 -14.64
CA VAL A 30 9.54 -3.69 -14.24
C VAL A 30 10.41 -4.31 -13.15
N LEU A 31 11.69 -4.27 -13.38
CA LEU A 31 12.74 -4.72 -12.40
C LEU A 31 13.31 -3.43 -11.77
N THR A 32 13.17 -3.31 -10.46
CA THR A 32 13.64 -2.16 -9.69
C THR A 32 14.73 -2.55 -8.73
N LYS A 33 15.77 -1.72 -8.69
CA LYS A 33 16.86 -1.84 -7.78
C LYS A 33 17.03 -0.59 -6.95
N ALA A 34 17.28 -0.73 -5.66
CA ALA A 34 17.65 0.39 -4.81
C ALA A 34 19.16 0.51 -4.84
N ASN A 35 19.65 1.61 -5.45
CA ASN A 35 21.09 1.83 -5.57
C ASN A 35 21.54 2.76 -4.44
N LEU A 36 22.17 2.22 -3.46
CA LEU A 36 22.54 3.02 -2.26
C LEU A 36 23.57 4.06 -2.53
N GLU A 37 24.51 3.74 -3.43
CA GLU A 37 25.60 4.65 -3.78
C GLU A 37 25.11 5.89 -4.48
N SER A 38 24.25 5.75 -5.51
CA SER A 38 23.70 6.87 -6.21
C SER A 38 22.52 7.50 -5.50
N ASN A 39 21.97 6.74 -4.53
CA ASN A 39 20.76 7.07 -3.81
C ASN A 39 19.53 7.24 -4.66
N LYS A 40 19.35 6.29 -5.58
CA LYS A 40 18.25 6.29 -6.47
C LYS A 40 17.69 4.90 -6.71
N TYR A 41 16.42 4.81 -7.08
CA TYR A 41 15.82 3.61 -7.58
C TYR A 41 16.10 3.53 -9.10
N GLU A 42 16.49 2.39 -9.56
CA GLU A 42 16.72 2.14 -11.01
C GLU A 42 15.63 1.22 -11.46
N ASN A 43 15.03 1.55 -12.62
CA ASN A 43 13.95 0.84 -13.20
C ASN A 43 14.33 0.35 -14.63
N THR A 44 14.12 -0.93 -14.85
CA THR A 44 14.31 -1.63 -16.14
C THR A 44 13.13 -2.41 -16.52
N ILE A 45 12.61 -2.17 -17.72
CA ILE A 45 11.54 -3.04 -18.19
C ILE A 45 12.15 -4.29 -18.79
N VAL A 46 11.61 -5.45 -18.42
CA VAL A 46 12.05 -6.73 -18.95
C VAL A 46 10.90 -7.30 -19.74
N ILE A 47 11.19 -7.77 -20.93
CA ILE A 47 10.20 -8.41 -21.82
C ILE A 47 10.64 -9.80 -22.02
N GLU A 48 9.78 -10.73 -21.60
CA GLU A 48 10.08 -12.15 -21.77
C GLU A 48 9.22 -12.80 -22.78
N ASN A 49 9.86 -13.65 -23.58
CA ASN A 49 9.05 -14.31 -24.65
C ASN A 49 8.91 -15.71 -24.19
N LEU A 50 7.66 -16.12 -23.90
CA LEU A 50 7.37 -17.38 -23.21
C LEU A 50 7.65 -18.55 -24.22
N GLU A 51 7.57 -18.23 -25.52
CA GLU A 51 8.31 -18.97 -26.57
C GLU A 51 9.79 -19.40 -26.29
N ASP A 52 10.70 -18.54 -25.76
CA ASP A 52 12.08 -18.99 -25.37
C ASP A 52 12.53 -18.84 -23.87
N GLY A 53 11.82 -18.08 -23.03
CA GLY A 53 12.36 -17.74 -21.67
C GLY A 53 13.50 -16.71 -21.84
N SER A 54 13.78 -16.48 -23.12
CA SER A 54 14.54 -15.26 -23.64
C SER A 54 14.00 -13.88 -23.11
N ARG A 55 14.92 -12.97 -22.79
CA ARG A 55 14.60 -11.67 -22.21
C ARG A 55 15.25 -10.59 -22.99
N LYS A 56 14.53 -9.52 -23.13
CA LYS A 56 15.00 -8.27 -23.66
C LYS A 56 14.62 -7.14 -22.74
N PHE A 57 15.25 -5.99 -22.96
CA PHE A 57 15.23 -4.92 -21.97
C PHE A 57 14.98 -3.55 -22.53
N ILE A 58 14.33 -2.74 -21.73
CA ILE A 58 14.20 -1.33 -22.01
C ILE A 58 14.71 -0.66 -20.76
N GLU A 59 15.85 -0.03 -20.87
CA GLU A 59 16.56 0.50 -19.71
C GLU A 59 16.07 1.90 -19.28
N ASP A 60 16.14 2.17 -17.98
CA ASP A 60 15.69 3.42 -17.32
CA ASP A 60 15.74 3.45 -17.34
C ASP A 60 14.27 3.83 -17.73
N ALA A 61 13.33 2.91 -17.52
CA ALA A 61 11.95 2.99 -17.99
C ALA A 61 11.03 2.28 -17.10
N SER A 62 9.76 2.65 -17.13
CA SER A 62 8.72 1.98 -16.43
C SER A 62 7.40 2.17 -17.15
N MET A 63 6.31 1.75 -16.49
CA MET A 63 4.98 1.80 -17.05
C MET A 63 4.91 1.12 -18.40
N PRO A 64 5.34 -0.17 -18.53
CA PRO A 64 5.18 -0.88 -19.78
C PRO A 64 3.71 -1.10 -20.13
N ARG A 65 3.33 -0.77 -21.39
CA ARG A 65 1.97 -1.05 -21.85
C ARG A 65 2.06 -1.65 -23.17
N ILE A 66 1.78 -2.93 -23.31
CA ILE A 66 1.84 -3.60 -24.57
C ILE A 66 0.62 -3.32 -25.45
N SER A 67 0.80 -2.97 -26.70
CA SER A 67 -0.36 -2.63 -27.55
C SER A 67 -1.24 -3.91 -27.76
N PRO A 68 -2.56 -3.71 -27.97
CA PRO A 68 -3.49 -4.84 -28.12
C PRO A 68 -3.07 -5.79 -29.20
N ASP A 69 -2.47 -5.29 -30.28
CA ASP A 69 -2.03 -6.10 -31.43
C ASP A 69 -0.72 -6.83 -31.18
N GLY A 70 -0.12 -6.62 -30.03
CA GLY A 70 1.16 -7.15 -29.66
C GLY A 70 2.40 -6.71 -30.39
N LYS A 71 2.29 -5.63 -31.15
CA LYS A 71 3.35 -5.17 -32.03
C LYS A 71 4.25 -4.15 -31.39
N LYS A 72 3.73 -3.41 -30.42
CA LYS A 72 4.43 -2.28 -29.84
C LYS A 72 4.27 -2.24 -28.34
N ILE A 73 5.18 -1.55 -27.71
CA ILE A 73 5.11 -1.27 -26.30
C ILE A 73 5.34 0.22 -26.08
N ALA A 74 4.40 0.82 -25.32
CA ALA A 74 4.56 2.17 -24.83
C ALA A 74 5.18 2.09 -23.44
N PHE A 75 5.91 3.12 -23.11
CA PHE A 75 6.50 3.27 -21.80
C PHE A 75 6.84 4.62 -21.45
N MET A 76 7.15 4.87 -20.16
CA MET A 76 7.58 6.15 -19.68
C MET A 76 9.03 6.16 -19.24
N ARG A 77 9.67 7.32 -19.42
CA ARG A 77 10.97 7.62 -18.83
C ARG A 77 10.84 8.97 -18.11
N PHE A 78 11.70 9.25 -17.15
CA PHE A 78 11.49 10.38 -16.18
C PHE A 78 12.83 11.06 -16.00
N GLU A 81 16.93 15.31 -15.93
CA GLU A 81 17.34 16.67 -16.32
C GLU A 81 16.17 17.65 -16.15
N LYS A 82 15.24 17.62 -17.11
CA LYS A 82 14.16 18.60 -17.26
C LYS A 82 12.96 18.49 -16.28
N LYS A 83 13.07 17.70 -15.21
CA LYS A 83 11.89 17.28 -14.39
C LYS A 83 10.63 16.98 -15.26
N THR A 84 10.85 16.25 -16.38
CA THR A 84 9.77 15.90 -17.28
C THR A 84 9.79 14.41 -17.64
N ALA A 85 8.60 13.90 -17.61
CA ALA A 85 8.33 12.57 -18.07
C ALA A 85 8.14 12.60 -19.58
N GLN A 86 8.47 11.47 -20.19
CA GLN A 86 8.41 11.30 -21.63
C GLN A 86 7.69 10.03 -21.87
N ILE A 87 6.73 10.02 -22.80
CA ILE A 87 6.14 8.82 -23.30
C ILE A 87 6.84 8.39 -24.59
N TRP A 88 7.24 7.11 -24.61
CA TRP A 88 7.92 6.51 -25.70
C TRP A 88 7.13 5.33 -26.23
N VAL A 89 7.33 5.00 -27.51
CA VAL A 89 6.80 3.78 -28.14
CA VAL A 89 6.82 3.77 -28.12
C VAL A 89 7.95 3.04 -28.84
N ALA A 90 8.02 1.76 -28.61
CA ALA A 90 9.01 0.87 -29.26
C ALA A 90 8.33 -0.22 -30.01
N ASP A 91 8.92 -0.66 -31.11
CA ASP A 91 8.53 -1.89 -31.72
C ASP A 91 9.01 -3.08 -30.86
N LEU A 92 8.14 -4.01 -30.65
CA LEU A 92 8.45 -5.15 -29.70
C LEU A 92 9.45 -6.10 -30.34
N LYS A 93 9.51 -6.20 -31.67
CA LYS A 93 10.49 -7.08 -32.34
C LYS A 93 11.92 -6.63 -32.06
N THR A 94 12.25 -5.37 -32.31
CA THR A 94 13.64 -4.94 -32.22
C THR A 94 13.88 -3.99 -31.05
N LEU A 95 12.81 -3.50 -30.45
CA LEU A 95 12.89 -2.51 -29.36
C LEU A 95 13.53 -1.18 -29.78
N SER A 96 13.51 -0.92 -31.11
CA SER A 96 13.86 0.45 -31.53
C SER A 96 12.69 1.35 -31.08
N ALA A 97 12.97 2.58 -30.72
CA ALA A 97 11.95 3.37 -29.98
C ALA A 97 11.98 4.88 -30.38
N LYS A 98 10.79 5.48 -30.35
CA LYS A 98 10.72 6.91 -30.59
C LYS A 98 10.04 7.57 -29.41
N LYS A 99 10.42 8.80 -29.15
CA LYS A 99 9.74 9.64 -28.18
C LYS A 99 8.46 10.26 -28.78
N VAL A 100 7.33 10.15 -28.11
CA VAL A 100 6.03 10.58 -28.66
C VAL A 100 5.60 11.85 -27.97
N LEU A 101 5.79 11.99 -26.68
CA LEU A 101 5.25 13.19 -26.02
C LEU A 101 5.98 13.44 -24.72
N GLU A 102 6.29 14.69 -24.42
CA GLU A 102 7.06 14.99 -23.21
C GLU A 102 6.05 15.55 -22.38
N ALA A 103 5.75 14.82 -21.25
CA ALA A 103 4.51 14.53 -20.41
C ALA A 103 4.71 14.70 -18.89
N LYS A 104 5.15 15.86 -18.47
CA LYS A 104 4.91 16.23 -17.02
C LYS A 104 3.43 16.13 -16.43
N ASN A 105 3.43 15.52 -15.27
CA ASN A 105 2.27 15.25 -14.44
C ASN A 105 1.29 14.29 -15.06
N ILE A 106 1.80 13.31 -15.79
CA ILE A 106 1.01 12.21 -16.28
C ILE A 106 1.08 11.12 -15.31
N ARG A 107 -0.05 10.57 -14.91
CA ARG A 107 -0.17 9.51 -13.92
C ARG A 107 -0.46 8.13 -14.54
N SER A 108 -1.07 8.10 -15.72
CA SER A 108 -1.50 6.80 -16.30
C SER A 108 -1.44 6.90 -17.81
N ILE A 109 -1.16 5.75 -18.45
CA ILE A 109 -1.25 5.58 -19.90
C ILE A 109 -1.91 4.26 -20.22
N GLU A 110 -2.82 4.24 -21.18
CA GLU A 110 -3.53 3.03 -21.61
C GLU A 110 -3.78 3.04 -23.10
N TRP A 111 -3.50 1.90 -23.78
CA TRP A 111 -3.88 1.82 -25.21
C TRP A 111 -5.32 1.70 -25.45
N ASN A 112 -5.79 2.35 -26.52
CA ASN A 112 -7.03 2.03 -27.19
C ASN A 112 -6.87 0.68 -27.88
N GLN A 113 -8.01 0.06 -28.11
CA GLN A 113 -8.12 -1.19 -28.88
C GLN A 113 -7.48 -1.10 -30.27
N ASP A 114 -7.36 0.09 -30.85
CA ASP A 114 -6.72 0.27 -32.18
C ASP A 114 -5.22 0.20 -32.26
N SER A 115 -4.56 0.05 -31.10
CA SER A 115 -3.09 0.04 -31.04
C SER A 115 -2.44 1.27 -31.68
N ARG A 116 -3.16 2.37 -31.61
CA ARG A 116 -2.70 3.68 -32.18
C ARG A 116 -2.81 4.79 -31.18
N ARG A 117 -3.94 4.93 -30.48
CA ARG A 117 -4.13 5.95 -29.53
C ARG A 117 -3.87 5.49 -28.09
N LEU A 118 -3.31 6.41 -27.33
CA LEU A 118 -3.14 6.25 -25.87
C LEU A 118 -4.14 7.19 -25.20
N LEU A 119 -4.72 6.77 -24.08
CA LEU A 119 -5.29 7.70 -23.13
C LEU A 119 -4.33 7.98 -22.05
N ALA A 120 -3.98 9.24 -21.80
CA ALA A 120 -3.13 9.64 -20.66
C ALA A 120 -3.99 10.44 -19.72
N VAL A 121 -3.86 10.20 -18.43
CA VAL A 121 -4.54 10.93 -17.39
C VAL A 121 -3.50 11.52 -16.50
N GLY A 122 -3.64 12.81 -16.25
CA GLY A 122 -2.68 13.56 -15.47
C GLY A 122 -3.36 14.63 -14.67
N PHE A 123 -2.60 15.69 -14.35
CA PHE A 123 -3.18 16.75 -13.52
C PHE A 123 -2.51 18.10 -13.85
N LYS A 124 -3.13 19.20 -13.41
CA LYS A 124 -2.60 20.50 -13.56
C LYS A 124 -2.97 21.30 -12.34
N ARG A 125 -2.07 22.20 -11.93
CA ARG A 125 -2.21 22.97 -10.69
C ARG A 125 -1.89 24.43 -10.99
N ARG A 126 -2.11 25.31 -10.02
CA ARG A 126 -1.92 26.77 -10.18
C ARG A 126 -0.44 27.09 -10.36
N GLU A 127 0.46 26.51 -9.60
CA GLU A 127 1.95 26.64 -9.81
C GLU A 127 2.68 28.00 -9.53
N ASP A 128 2.07 28.81 -8.74
CA ASP A 128 2.74 30.06 -8.33
C ASP A 128 4.03 29.62 -7.55
N GLU A 129 5.18 30.28 -7.84
CA GLU A 129 6.45 30.05 -7.23
CA GLU A 129 6.40 29.88 -7.20
C GLU A 129 6.48 30.25 -5.72
N ASP A 130 5.66 31.16 -5.24
CA ASP A 130 5.75 31.66 -3.83
C ASP A 130 4.66 31.16 -2.91
N PHE A 131 3.47 30.84 -3.45
CA PHE A 131 2.34 30.40 -2.59
C PHE A 131 1.38 29.45 -3.32
N ILE A 132 0.86 28.53 -2.55
CA ILE A 132 -0.22 27.60 -2.85
C ILE A 132 -1.51 28.30 -2.54
N PHE A 133 -2.54 28.20 -3.36
CA PHE A 133 -3.81 28.79 -3.06
C PHE A 133 -4.90 27.76 -3.19
N GLU A 134 -5.74 27.65 -2.19
CA GLU A 134 -6.75 26.55 -2.18
C GLU A 134 -8.12 27.18 -1.88
N ASP A 135 -9.13 26.66 -2.61
CA ASP A 135 -10.52 27.02 -2.36
CA ASP A 135 -10.50 27.03 -2.47
C ASP A 135 -11.44 25.78 -2.42
N ASP A 136 -10.84 24.60 -2.46
CA ASP A 136 -11.56 23.30 -2.39
C ASP A 136 -11.01 22.48 -1.19
N VAL A 137 -11.29 21.15 -1.11
CA VAL A 137 -10.78 20.36 0.01
C VAL A 137 -10.39 19.04 -0.58
N PRO A 138 -9.41 18.38 0.00
CA PRO A 138 -8.52 18.88 1.04
C PRO A 138 -7.44 19.72 0.38
N ALA A 139 -6.58 20.37 1.16
CA ALA A 139 -5.50 21.18 0.58
C ALA A 139 -4.28 20.42 0.15
N TRP A 140 -4.21 19.17 0.56
CA TRP A 140 -3.06 18.29 0.27
C TRP A 140 -3.43 16.84 0.28
N PHE A 141 -2.60 16.01 -0.31
CA PHE A 141 -2.83 14.58 -0.31
C PHE A 141 -1.52 13.85 -0.23
N ASP A 142 -1.50 12.82 0.58
CA ASP A 142 -0.28 12.02 0.75
C ASP A 142 0.25 11.52 -0.57
N ASN A 143 1.55 11.67 -0.77
CA ASN A 143 2.23 11.16 -1.97
C ASN A 143 1.85 11.92 -3.25
N MET A 144 1.18 13.05 -3.09
CA MET A 144 0.78 13.94 -4.18
C MET A 144 1.21 15.35 -3.95
N GLY A 145 1.25 15.84 -2.69
CA GLY A 145 1.66 17.16 -2.32
C GLY A 145 0.48 18.11 -2.00
N PHE A 146 0.72 19.39 -2.04
CA PHE A 146 -0.37 20.39 -1.95
C PHE A 146 -1.12 20.37 -3.28
N PHE A 147 -2.46 20.33 -3.22
CA PHE A 147 -3.18 20.33 -4.48
C PHE A 147 -3.08 21.59 -5.29
N ASP A 148 -3.05 22.75 -4.65
CA ASP A 148 -2.89 23.97 -5.39
C ASP A 148 -3.91 24.14 -6.54
N GLY A 149 -5.14 23.82 -6.21
CA GLY A 149 -6.24 23.97 -7.15
C GLY A 149 -6.27 22.86 -8.22
N GLU A 150 -5.61 21.70 -8.01
CA GLU A 150 -5.49 20.65 -9.00
C GLU A 150 -6.82 20.33 -9.72
N LYS A 151 -6.69 20.16 -11.03
CA LYS A 151 -7.73 19.51 -11.83
C LYS A 151 -7.11 18.27 -12.48
N THR A 152 -7.92 17.27 -12.82
CA THR A 152 -7.51 16.14 -13.60
C THR A 152 -7.55 16.46 -15.09
N THR A 153 -6.54 16.01 -15.83
CA THR A 153 -6.48 16.19 -17.26
C THR A 153 -6.50 14.88 -17.97
N PHE A 154 -7.19 14.87 -19.08
CA PHE A 154 -7.35 13.70 -19.89
C PHE A 154 -6.91 14.03 -21.31
N TRP A 155 -5.95 13.25 -21.82
CA TRP A 155 -5.44 13.48 -23.15
C TRP A 155 -5.58 12.25 -23.99
N VAL A 156 -6.10 12.35 -25.18
CA VAL A 156 -6.02 11.25 -26.15
C VAL A 156 -4.85 11.59 -27.09
N ILE A 157 -3.89 10.68 -27.13
CA ILE A 157 -2.65 10.85 -27.88
C ILE A 157 -2.60 9.90 -29.04
N ASP A 158 -2.38 10.46 -30.25
CA ASP A 158 -2.09 9.68 -31.43
C ASP A 158 -0.59 9.35 -31.43
N THR A 159 -0.27 8.04 -31.25
CA THR A 159 1.18 7.67 -31.18
C THR A 159 1.85 7.72 -32.60
N GLU A 160 1.09 7.76 -33.67
CA GLU A 160 1.67 7.77 -35.04
C GLU A 160 2.13 9.25 -35.30
N GLY A 161 1.17 10.14 -35.39
CA GLY A 161 1.45 11.58 -35.57
C GLY A 161 2.01 12.28 -34.37
N GLU A 162 1.89 11.71 -33.19
CA GLU A 162 2.54 12.19 -31.97
C GLU A 162 1.92 13.50 -31.47
N GLU A 163 0.60 13.48 -31.36
CA GLU A 163 -0.20 14.70 -31.04
C GLU A 163 -1.32 14.33 -30.10
N VAL A 164 -1.63 15.30 -29.23
CA VAL A 164 -2.81 15.22 -28.36
C VAL A 164 -3.91 15.62 -29.37
N ILE A 165 -4.86 14.74 -29.57
CA ILE A 165 -5.97 14.92 -30.49
C ILE A 165 -7.29 15.31 -29.79
N GLU A 166 -7.40 15.04 -28.49
CA GLU A 166 -8.53 15.51 -27.70
C GLU A 166 -8.02 15.68 -26.32
N GLN A 167 -8.58 16.66 -25.64
CA GLN A 167 -8.24 16.85 -24.27
C GLN A 167 -9.41 17.43 -23.52
N PHE A 168 -9.47 17.14 -22.22
CA PHE A 168 -10.50 17.74 -21.36
C PHE A 168 -10.04 17.64 -19.91
N GLU A 169 -10.72 18.40 -19.07
CA GLU A 169 -10.43 18.43 -17.62
C GLU A 169 -11.64 18.06 -16.79
N LYS A 170 -11.35 17.57 -15.60
CA LYS A 170 -12.35 17.23 -14.62
C LYS A 170 -11.87 17.63 -13.25
N PRO A 171 -12.78 17.60 -12.25
CA PRO A 171 -12.30 17.79 -10.88
C PRO A 171 -11.18 16.90 -10.43
N ARG A 172 -10.37 17.33 -9.41
CA ARG A 172 -9.28 16.55 -8.86
C ARG A 172 -9.81 15.13 -8.48
N PHE A 173 -8.93 14.16 -8.58
CA PHE A 173 -9.18 12.79 -8.23
C PHE A 173 -10.20 12.12 -9.14
N SER A 174 -10.28 12.53 -10.41
CA SER A 174 -11.03 11.84 -11.42
C SER A 174 -10.17 10.81 -12.09
N SER A 175 -10.80 9.81 -12.66
CA SER A 175 -10.08 8.77 -13.39
C SER A 175 -10.80 8.45 -14.71
N GLY A 176 -10.13 7.76 -15.62
CA GLY A 176 -10.67 7.43 -16.94
C GLY A 176 -10.08 6.20 -17.50
N ILE A 177 -10.91 5.43 -18.18
CA ILE A 177 -10.53 4.27 -18.94
C ILE A 177 -11.13 4.30 -20.34
N TRP A 178 -10.50 3.61 -21.26
CA TRP A 178 -11.17 3.32 -22.51
C TRP A 178 -12.33 2.33 -22.39
N HIS A 179 -13.36 2.57 -23.19
CA HIS A 179 -14.43 1.62 -23.39
C HIS A 179 -14.73 1.65 -24.87
N GLY A 180 -14.01 0.80 -25.59
CA GLY A 180 -14.06 0.83 -27.06
C GLY A 180 -13.52 2.18 -27.51
N ASP A 181 -14.29 2.96 -28.26
CA ASP A 181 -13.92 4.33 -28.71
C ASP A 181 -14.40 5.48 -27.83
N SER A 182 -15.05 5.10 -26.72
CA SER A 182 -15.41 6.06 -25.68
C SER A 182 -14.53 6.00 -24.51
N ILE A 183 -14.61 6.99 -23.64
CA ILE A 183 -13.90 7.01 -22.43
C ILE A 183 -14.89 7.03 -21.23
N VAL A 184 -14.71 6.10 -20.28
CA VAL A 184 -15.55 6.08 -19.04
C VAL A 184 -14.82 6.89 -18.01
N VAL A 185 -15.48 7.92 -17.55
CA VAL A 185 -14.89 8.91 -16.67
C VAL A 185 -15.51 8.87 -15.31
N SER A 186 -14.73 8.64 -14.25
CA SER A 186 -15.27 8.54 -12.86
C SER A 186 -14.83 9.77 -12.09
N VAL A 187 -15.79 10.54 -11.55
CA VAL A 187 -15.51 11.86 -10.96
C VAL A 187 -16.08 11.79 -9.52
N PRO A 188 -15.31 12.24 -8.54
CA PRO A 188 -15.91 12.26 -7.20
C PRO A 188 -17.18 13.10 -7.17
N HIS A 189 -18.22 12.60 -6.50
CA HIS A 189 -19.45 13.31 -6.42
C HIS A 189 -19.32 14.45 -5.43
N ARG A 190 -19.91 15.59 -5.76
CA ARG A 190 -19.79 16.75 -4.86
C ARG A 190 -21.07 17.02 -4.09
N ASP A 191 -21.01 16.98 -2.76
CA ASP A 191 -22.10 17.50 -1.88
C ASP A 191 -21.58 18.78 -1.20
N VAL A 192 -21.44 18.85 0.12
CA VAL A 192 -20.86 20.13 0.75
C VAL A 192 -19.33 20.15 0.38
N ILE A 193 -18.74 18.95 0.35
CA ILE A 193 -17.42 18.71 -0.12
C ILE A 193 -17.46 17.54 -1.08
N PRO A 194 -16.37 17.31 -1.83
CA PRO A 194 -16.32 16.06 -2.62
C PRO A 194 -16.33 14.82 -1.75
N ARG A 195 -17.09 13.82 -2.19
CA ARG A 195 -17.26 12.57 -1.42
C ARG A 195 -16.22 11.50 -1.77
N TYR A 196 -14.96 11.86 -1.54
CA TYR A 196 -13.85 11.04 -1.91
C TYR A 196 -13.91 9.68 -1.31
N PHE A 197 -13.70 8.64 -2.12
CA PHE A 197 -13.66 7.19 -1.69
C PHE A 197 -15.05 6.71 -1.32
N LYS A 198 -16.09 7.49 -1.53
CA LYS A 198 -17.46 7.17 -1.15
C LYS A 198 -18.49 7.25 -2.26
N TYR A 199 -18.58 8.41 -2.94
CA TYR A 199 -19.48 8.51 -4.07
C TYR A 199 -18.85 9.11 -5.29
N TRP A 200 -19.21 8.61 -6.44
CA TRP A 200 -18.77 9.10 -7.75
C TRP A 200 -19.94 9.30 -8.67
N ASP A 201 -19.73 10.15 -9.66
CA ASP A 201 -20.55 10.27 -10.85
C ASP A 201 -19.74 9.67 -12.00
N ILE A 202 -20.36 8.89 -12.84
CA ILE A 202 -19.67 8.23 -13.92
C ILE A 202 -20.28 8.63 -15.24
N TYR A 203 -19.39 9.03 -16.14
CA TYR A 203 -19.79 9.52 -17.48
C TYR A 203 -19.19 8.71 -18.60
N LEU A 204 -19.88 8.70 -19.74
CA LEU A 204 -19.35 8.10 -20.98
C LEU A 204 -19.07 9.29 -21.89
N TRP A 205 -17.82 9.41 -22.30
CA TRP A 205 -17.29 10.56 -23.05
C TRP A 205 -16.84 10.12 -24.42
N LYS A 206 -17.24 10.86 -25.45
CA LYS A 206 -16.68 10.67 -26.77
C LYS A 206 -16.76 11.99 -27.58
N ASP A 207 -15.67 12.31 -28.25
CA ASP A 207 -15.67 13.42 -29.22
C ASP A 207 -16.20 14.70 -28.67
N GLY A 208 -15.85 14.97 -27.40
CA GLY A 208 -16.19 16.22 -26.76
C GLY A 208 -17.55 16.33 -26.18
N GLU A 209 -18.33 15.27 -26.21
CA GLU A 209 -19.64 15.22 -25.59
C GLU A 209 -19.66 14.09 -24.59
N GLU A 210 -20.55 14.18 -23.61
CA GLU A 210 -20.65 13.12 -22.56
C GLU A 210 -22.08 12.91 -22.18
N GLU A 211 -22.32 11.72 -21.68
CA GLU A 211 -23.58 11.39 -21.06
CA GLU A 211 -23.57 11.36 -21.08
C GLU A 211 -23.30 10.73 -19.71
N LYS A 212 -24.15 11.06 -18.74
CA LYS A 212 -24.00 10.53 -17.40
C LYS A 212 -24.51 9.13 -17.32
N LEU A 213 -23.74 8.21 -16.80
CA LEU A 213 -24.20 6.84 -16.69
C LEU A 213 -24.77 6.56 -15.30
N PHE A 214 -24.07 7.08 -14.30
CA PHE A 214 -24.42 6.89 -12.92
C PHE A 214 -24.24 8.13 -12.16
N GLU A 215 -25.10 8.31 -11.13
CA GLU A 215 -25.01 9.45 -10.29
C GLU A 215 -24.94 9.03 -8.85
N LYS A 216 -23.94 9.49 -8.11
CA LYS A 216 -23.75 9.27 -6.67
C LYS A 216 -23.79 7.78 -6.34
N VAL A 217 -22.88 7.05 -6.97
CA VAL A 217 -22.78 5.58 -6.76
C VAL A 217 -21.46 5.34 -6.02
N SER A 218 -21.28 4.16 -5.35
CA SER A 218 -20.09 3.97 -4.52
C SER A 218 -19.18 3.00 -5.26
N PHE A 219 -19.18 3.05 -6.61
CA PHE A 219 -18.19 2.35 -7.41
C PHE A 219 -17.66 3.24 -8.49
N TYR A 220 -16.48 2.90 -9.01
CA TYR A 220 -15.92 3.62 -10.17
C TYR A 220 -15.47 2.59 -11.19
N ALA A 221 -15.22 3.03 -12.42
CA ALA A 221 -14.90 2.09 -13.51
C ALA A 221 -13.36 1.77 -13.44
N ILE A 222 -13.03 0.52 -13.49
CA ILE A 222 -11.65 0.05 -13.44
C ILE A 222 -11.17 -0.64 -14.73
N ASP A 223 -12.08 -1.19 -15.55
CA ASP A 223 -11.67 -1.90 -16.75
C ASP A 223 -12.81 -2.05 -17.71
N SER A 224 -12.51 -2.44 -18.94
CA SER A 224 -13.44 -2.73 -19.96
C SER A 224 -12.89 -3.73 -20.90
N ASP A 225 -13.77 -4.53 -21.45
CA ASP A 225 -13.37 -5.39 -22.58
C ASP A 225 -14.00 -4.93 -23.90
N GLY A 226 -14.55 -3.71 -23.93
CA GLY A 226 -15.13 -3.12 -25.15
C GLY A 226 -16.65 -3.29 -25.20
N GLU A 227 -17.15 -4.28 -24.47
CA GLU A 227 -18.59 -4.55 -24.37
C GLU A 227 -19.15 -4.34 -22.96
N ARG A 228 -18.37 -4.75 -21.98
CA ARG A 228 -18.77 -4.64 -20.62
C ARG A 228 -17.75 -3.78 -19.84
N ILE A 229 -18.28 -3.00 -18.92
CA ILE A 229 -17.44 -2.20 -18.02
C ILE A 229 -17.34 -2.90 -16.68
N LEU A 230 -16.12 -2.98 -16.14
CA LEU A 230 -15.91 -3.50 -14.79
C LEU A 230 -15.84 -2.39 -13.78
N LEU A 231 -16.66 -2.53 -12.76
CA LEU A 231 -16.87 -1.53 -11.74
C LEU A 231 -16.36 -2.08 -10.39
N TYR A 232 -15.83 -1.19 -9.61
CA TYR A 232 -15.19 -1.52 -8.33
C TYR A 232 -15.75 -0.74 -7.23
N GLY A 233 -16.37 -1.44 -6.22
CA GLY A 233 -16.91 -0.78 -5.08
C GLY A 233 -18.21 -1.45 -4.71
N LYS A 234 -19.22 -0.64 -4.46
CA LYS A 234 -20.62 -1.09 -4.23
C LYS A 234 -21.57 -0.12 -4.90
N PRO A 235 -22.87 -0.55 -5.15
CA PRO A 235 -23.77 0.52 -5.65
C PRO A 235 -23.90 1.65 -4.64
N GLU A 236 -23.99 1.32 -3.36
CA GLU A 236 -24.03 2.37 -2.32
C GLU A 236 -23.43 1.83 -1.06
N LYS A 237 -22.42 2.51 -0.57
CA LYS A 237 -21.75 2.18 0.73
C LYS A 237 -22.28 3.08 1.78
N LYS A 238 -22.60 2.53 2.94
CA LYS A 238 -22.70 3.39 4.13
C LYS A 238 -21.39 3.75 4.75
N TYR A 239 -20.41 2.80 4.69
CA TYR A 239 -19.06 3.07 5.21
C TYR A 239 -18.04 2.82 4.12
N VAL A 240 -17.00 3.63 4.04
CA VAL A 240 -15.96 3.44 3.05
C VAL A 240 -15.29 2.11 3.36
N SER A 241 -15.27 1.77 4.66
CA SER A 241 -14.65 0.48 5.14
C SER A 241 -15.37 -0.81 4.72
N GLU A 242 -16.57 -0.71 4.19
CA GLU A 242 -17.26 -1.88 3.63
C GLU A 242 -16.40 -2.54 2.57
N HIS A 243 -16.53 -3.87 2.39
CA HIS A 243 -15.77 -4.56 1.41
C HIS A 243 -16.10 -4.06 0.04
N ASP A 244 -15.10 -3.64 -0.70
CA ASP A 244 -15.26 -3.42 -2.16
C ASP A 244 -15.41 -4.66 -2.94
N LYS A 245 -16.41 -4.64 -3.80
CA LYS A 245 -16.70 -5.75 -4.68
C LYS A 245 -16.55 -5.34 -6.16
N ILE A 246 -16.84 -6.23 -7.06
CA ILE A 246 -16.77 -5.95 -8.50
C ILE A 246 -18.12 -6.36 -9.18
N TYR A 247 -18.46 -5.62 -10.23
CA TYR A 247 -19.68 -5.70 -10.97
C TYR A 247 -19.37 -5.54 -12.47
N ILE A 248 -20.12 -6.26 -13.28
CA ILE A 248 -20.05 -6.12 -14.75
C ILE A 248 -21.23 -5.26 -15.14
N TYR A 249 -20.96 -4.24 -15.94
CA TYR A 249 -22.01 -3.38 -16.46
C TYR A 249 -22.07 -3.45 -17.99
N ASP A 250 -23.24 -3.83 -18.50
CA ASP A 250 -23.43 -3.82 -19.97
C ASP A 250 -24.78 -3.24 -20.36
N GLY A 251 -25.30 -2.35 -19.52
CA GLY A 251 -26.73 -2.03 -19.54
C GLY A 251 -27.39 -2.32 -18.22
N GLU A 252 -27.03 -3.46 -17.65
CA GLU A 252 -27.51 -3.89 -16.36
C GLU A 252 -26.25 -4.04 -15.52
N VAL A 253 -26.35 -3.80 -14.22
CA VAL A 253 -25.24 -3.94 -13.31
C VAL A 253 -25.39 -5.29 -12.69
N LYS A 254 -24.40 -6.13 -12.83
CA LYS A 254 -24.39 -7.49 -12.30
C LYS A 254 -23.18 -7.71 -11.36
N GLY A 255 -23.48 -8.01 -10.08
CA GLY A 255 -22.51 -8.39 -9.04
C GLY A 255 -22.03 -9.74 -9.48
N ILE A 256 -20.76 -10.02 -9.39
CA ILE A 256 -20.35 -11.36 -9.64
C ILE A 256 -19.80 -12.06 -8.37
N LEU A 257 -19.63 -11.34 -7.26
CA LEU A 257 -19.23 -11.92 -5.95
C LEU A 257 -20.26 -11.59 -4.85
N ASP A 258 -21.54 -11.57 -5.22
CA ASP A 258 -22.61 -11.15 -4.28
C ASP A 258 -22.62 -12.07 -2.99
N ASP A 259 -22.18 -13.28 -3.16
CA ASP A 259 -22.21 -14.29 -2.11
C ASP A 259 -20.89 -14.51 -1.34
N ILE A 260 -19.87 -13.73 -1.66
CA ILE A 260 -18.54 -13.95 -1.10
C ILE A 260 -18.26 -12.73 -0.23
N ASP A 261 -18.16 -12.93 1.06
CA ASP A 261 -18.00 -11.81 2.04
C ASP A 261 -16.50 -11.51 2.30
N ARG A 262 -15.81 -11.18 1.23
CA ARG A 262 -14.38 -10.81 1.27
C ARG A 262 -14.20 -9.63 0.28
N GLU A 263 -13.16 -8.84 0.54
CA GLU A 263 -12.90 -7.66 -0.29
C GLU A 263 -12.00 -8.01 -1.50
N VAL A 264 -12.31 -7.46 -2.66
CA VAL A 264 -11.48 -7.53 -3.88
C VAL A 264 -10.32 -6.55 -3.75
N ALA A 265 -9.10 -7.10 -4.03
CA ALA A 265 -7.90 -6.31 -4.02
C ALA A 265 -7.68 -5.68 -5.42
N GLN A 266 -7.81 -6.47 -6.50
CA GLN A 266 -7.54 -6.00 -7.83
C GLN A 266 -8.39 -6.80 -8.72
N ALA A 267 -8.79 -6.28 -9.87
CA ALA A 267 -9.54 -7.04 -10.80
C ALA A 267 -9.37 -6.46 -12.27
N LYS A 268 -9.45 -7.37 -13.21
CA LYS A 268 -9.39 -7.09 -14.67
C LYS A 268 -10.35 -7.92 -15.45
N ILE A 269 -10.81 -7.43 -16.60
CA ILE A 269 -11.70 -8.21 -17.45
C ILE A 269 -11.01 -8.37 -18.80
N ARG A 270 -11.05 -9.57 -19.30
CA ARG A 270 -10.47 -9.77 -20.67
C ARG A 270 -11.32 -10.85 -21.29
N ASN A 271 -12.02 -10.49 -22.38
CA ASN A 271 -12.89 -11.43 -23.09
C ASN A 271 -14.03 -11.91 -22.25
N GLY A 272 -14.74 -11.00 -21.56
CA GLY A 272 -15.86 -11.40 -20.69
C GLY A 272 -15.54 -12.26 -19.44
N LYS A 273 -14.23 -12.64 -19.26
CA LYS A 273 -13.77 -13.32 -17.98
C LYS A 273 -13.14 -12.27 -17.11
N VAL A 274 -13.35 -12.45 -15.81
CA VAL A 274 -12.77 -11.54 -14.84
C VAL A 274 -11.76 -12.28 -13.97
N TYR A 275 -10.62 -11.67 -13.88
CA TYR A 275 -9.57 -12.20 -12.99
C TYR A 275 -9.48 -11.24 -11.83
N PHE A 276 -9.36 -11.79 -10.61
CA PHE A 276 -9.39 -10.92 -9.46
C PHE A 276 -8.72 -11.59 -8.26
N THR A 277 -8.27 -10.76 -7.34
CA THR A 277 -7.72 -11.22 -6.11
C THR A 277 -8.57 -10.80 -4.94
N LEU A 278 -8.54 -11.58 -3.87
CA LEU A 278 -9.25 -11.28 -2.61
C LEU A 278 -8.36 -11.34 -1.46
N PHE A 279 -8.68 -10.50 -0.48
CA PHE A 279 -8.00 -10.49 0.82
C PHE A 279 -8.66 -11.56 1.68
N GLU A 280 -7.89 -12.56 2.06
CA GLU A 280 -8.42 -13.72 2.77
C GLU A 280 -7.45 -14.21 3.89
N GLU A 281 -7.78 -13.91 5.13
CA GLU A 281 -7.13 -14.39 6.35
C GLU A 281 -5.62 -14.46 6.24
N GLY A 282 -5.08 -13.33 5.82
CA GLY A 282 -3.61 -13.18 5.66
C GLY A 282 -3.00 -13.38 4.31
N SER A 283 -3.74 -13.94 3.37
CA SER A 283 -3.32 -14.19 2.01
C SER A 283 -4.02 -13.17 1.10
N VAL A 284 -3.45 -12.96 -0.09
CA VAL A 284 -4.15 -12.28 -1.18
C VAL A 284 -4.14 -13.34 -2.31
N ASN A 285 -5.30 -13.86 -2.64
CA ASN A 285 -5.45 -15.05 -3.49
C ASN A 285 -6.09 -14.70 -4.82
N LEU A 286 -5.67 -15.33 -5.89
CA LEU A 286 -6.13 -15.13 -7.30
C LEU A 286 -7.18 -16.14 -7.76
N TYR A 287 -8.25 -15.57 -8.31
CA TYR A 287 -9.39 -16.28 -8.84
C TYR A 287 -9.71 -15.77 -10.24
N LEU A 288 -10.56 -16.55 -10.90
CA LEU A 288 -11.19 -16.23 -12.17
C LEU A 288 -12.72 -16.34 -12.00
N TRP A 289 -13.46 -15.48 -12.67
CA TRP A 289 -14.92 -15.68 -12.85
C TRP A 289 -15.18 -15.81 -14.28
N ASP A 290 -15.85 -16.92 -14.62
CA ASP A 290 -16.20 -17.20 -16.06
C ASP A 290 -17.66 -17.62 -16.12
N GLY A 291 -18.42 -17.15 -15.15
CA GLY A 291 -19.78 -17.60 -14.89
C GLY A 291 -19.86 -18.21 -13.50
N GLU A 292 -18.78 -18.84 -13.07
CA GLU A 292 -18.63 -19.24 -11.70
C GLU A 292 -17.21 -18.77 -11.27
N VAL A 293 -17.00 -18.70 -9.96
CA VAL A 293 -15.71 -18.36 -9.37
C VAL A 293 -14.86 -19.61 -9.29
N ARG A 294 -13.65 -19.52 -9.86
CA ARG A 294 -12.69 -20.62 -9.88
C ARG A 294 -11.36 -20.21 -9.22
N GLU A 295 -10.82 -21.08 -8.37
CA GLU A 295 -9.53 -20.85 -7.75
C GLU A 295 -8.40 -20.97 -8.75
N ILE A 296 -7.47 -19.99 -8.74
CA ILE A 296 -6.27 -20.05 -9.55
CA ILE A 296 -6.26 -20.00 -9.59
C ILE A 296 -4.99 -20.18 -8.72
N ALA A 297 -4.73 -19.29 -7.77
CA ALA A 297 -3.52 -19.32 -6.97
C ALA A 297 -3.92 -18.92 -5.57
N LYS A 298 -4.11 -19.94 -4.76
CA LYS A 298 -4.53 -19.71 -3.36
C LYS A 298 -3.48 -20.36 -2.50
N GLY A 299 -2.98 -19.68 -1.51
CA GLY A 299 -2.00 -20.33 -0.58
C GLY A 299 -1.55 -19.30 0.42
N LYS A 300 -0.45 -19.65 1.11
CA LYS A 300 0.17 -18.72 2.09
C LYS A 300 1.03 -17.74 1.34
N HIS A 301 0.39 -16.75 0.69
CA HIS A 301 1.09 -15.84 -0.23
C HIS A 301 0.25 -14.61 -0.47
N TRP A 302 0.87 -13.62 -1.08
CA TRP A 302 0.16 -12.42 -1.64
C TRP A 302 0.41 -12.30 -3.08
N ILE A 303 -0.65 -12.39 -3.86
CA ILE A 303 -0.66 -12.10 -5.33
C ILE A 303 -0.66 -10.59 -5.52
N MET A 304 0.50 -9.99 -5.84
CA MET A 304 0.70 -8.62 -5.87
C MET A 304 0.29 -7.92 -7.13
N GLY A 305 0.12 -8.66 -8.21
CA GLY A 305 -0.20 -8.08 -9.52
C GLY A 305 -0.39 -9.21 -10.46
N PHE A 306 -1.17 -8.96 -11.50
CA PHE A 306 -1.43 -9.99 -12.47
C PHE A 306 -1.93 -9.34 -13.81
N ASP A 307 -1.86 -10.13 -14.84
CA ASP A 307 -2.42 -9.72 -16.16
C ASP A 307 -2.76 -10.91 -16.92
N ALA A 308 -3.72 -10.75 -17.86
CA ALA A 308 -4.17 -11.83 -18.59
C ALA A 308 -4.60 -11.38 -20.04
N ASP A 309 -4.28 -12.21 -20.90
CA ASP A 309 -4.63 -11.97 -22.34
C ASP A 309 -4.72 -13.36 -22.94
N GLU A 310 -3.78 -13.80 -23.77
CA GLU A 310 -3.74 -15.20 -24.08
C GLU A 310 -3.21 -16.05 -23.01
N ARG A 311 -2.36 -15.47 -22.18
CA ARG A 311 -1.74 -16.21 -21.09
C ARG A 311 -2.10 -15.48 -19.78
N LEU A 312 -2.08 -16.20 -18.69
CA LEU A 312 -2.28 -15.58 -17.36
C LEU A 312 -0.92 -15.63 -16.57
N ILE A 313 -0.52 -14.42 -16.16
CA ILE A 313 0.74 -14.30 -15.38
C ILE A 313 0.45 -13.49 -14.13
N TYR A 314 1.27 -13.75 -13.11
CA TYR A 314 1.10 -13.02 -11.85
C TYR A 314 2.35 -13.01 -11.05
N LEU A 315 2.40 -12.01 -10.19
CA LEU A 315 3.53 -11.87 -9.23
C LEU A 315 3.05 -12.40 -7.88
N LYS A 316 3.82 -13.32 -7.27
CA LYS A 316 3.49 -13.93 -5.99
C LYS A 316 4.64 -13.59 -5.01
N GLU A 317 4.30 -12.96 -3.89
CA GLU A 317 5.20 -12.75 -2.78
C GLU A 317 4.79 -13.70 -1.65
N THR A 318 5.74 -14.03 -0.76
CA THR A 318 5.50 -14.87 0.41
C THR A 318 6.16 -14.20 1.64
N ALA A 319 5.94 -14.76 2.85
CA ALA A 319 6.53 -14.22 4.07
C ALA A 319 8.06 -14.18 3.98
N THR A 320 8.61 -15.09 3.19
CA THR A 320 10.07 -15.16 3.17
C THR A 320 10.72 -14.80 1.82
N ARG A 321 9.97 -14.40 0.81
CA ARG A 321 10.51 -14.02 -0.52
C ARG A 321 9.74 -12.85 -1.11
N PRO A 322 10.47 -11.85 -1.56
CA PRO A 322 9.85 -10.85 -2.44
C PRO A 322 9.26 -11.50 -3.65
N ALA A 323 8.41 -10.74 -4.33
CA ALA A 323 7.67 -11.23 -5.48
C ALA A 323 8.57 -11.80 -6.55
N GLU A 324 8.08 -12.88 -7.13
CA GLU A 324 8.60 -13.42 -8.37
C GLU A 324 7.42 -13.60 -9.29
N LEU A 325 7.69 -13.86 -10.58
CA LEU A 325 6.64 -14.00 -11.60
C LEU A 325 6.37 -15.45 -11.84
N TYR A 326 5.10 -15.69 -12.03
CA TYR A 326 4.54 -16.99 -12.34
C TYR A 326 3.53 -16.99 -13.50
N LEU A 327 3.41 -18.13 -14.11
CA LEU A 327 2.45 -18.32 -15.23
C LEU A 327 1.47 -19.46 -14.78
N TRP A 328 0.19 -19.37 -15.15
CA TRP A 328 -0.77 -20.42 -14.82
C TRP A 328 -1.38 -20.85 -16.12
N ASP A 329 -1.28 -22.15 -16.40
CA ASP A 329 -1.79 -22.77 -17.65
C ASP A 329 -2.59 -24.03 -17.33
N GLY A 330 -3.32 -24.02 -16.21
CA GLY A 330 -3.79 -25.25 -15.59
C GLY A 330 -3.03 -25.70 -14.36
N GLU A 331 -1.72 -25.39 -14.30
CA GLU A 331 -0.97 -25.44 -13.05
C GLU A 331 -0.04 -24.24 -13.03
N GLU A 332 0.45 -23.94 -11.85
CA GLU A 332 1.33 -22.79 -11.64
C GLU A 332 2.74 -23.22 -12.04
N ARG A 333 3.42 -22.38 -12.83
CA ARG A 333 4.84 -22.57 -13.19
C ARG A 333 5.54 -21.29 -12.73
N GLN A 334 6.62 -21.44 -11.98
CA GLN A 334 7.42 -20.24 -11.68
C GLN A 334 8.27 -19.81 -12.91
N LEU A 335 8.19 -18.55 -13.30
CA LEU A 335 8.86 -18.02 -14.48
C LEU A 335 10.18 -17.42 -14.06
N THR A 336 10.25 -16.72 -12.92
CA THR A 336 11.50 -15.93 -12.62
C THR A 336 12.05 -16.46 -11.29
N ASP A 337 13.35 -16.22 -11.06
CA ASP A 337 13.96 -16.54 -9.84
C ASP A 337 15.07 -15.49 -9.52
N TYR A 338 14.69 -14.22 -9.61
CA TYR A 338 15.66 -13.12 -9.45
C TYR A 338 16.43 -13.14 -8.17
N ASN A 339 15.77 -13.50 -7.04
CA ASN A 339 16.42 -13.47 -5.73
C ASN A 339 16.90 -14.81 -5.21
N GLY A 340 16.81 -15.80 -6.11
CA GLY A 340 17.16 -17.18 -5.75
C GLY A 340 18.58 -17.35 -5.27
N LEU A 341 19.53 -16.65 -5.87
CA LEU A 341 20.92 -16.80 -5.45
C LEU A 341 21.17 -16.11 -4.16
N ILE A 342 20.63 -14.91 -3.96
CA ILE A 342 20.68 -14.25 -2.68
C ILE A 342 20.13 -15.11 -1.56
N PHE A 343 18.96 -15.65 -1.77
CA PHE A 343 18.33 -16.35 -0.70
C PHE A 343 18.94 -17.68 -0.35
N LYS A 344 19.71 -18.29 -1.26
CA LYS A 344 20.54 -19.44 -0.90
C LYS A 344 21.53 -19.13 0.19
N LYS A 345 21.90 -17.86 0.39
CA LYS A 345 22.90 -17.46 1.37
CA LYS A 345 22.90 -17.48 1.35
C LYS A 345 22.34 -16.71 2.58
N LEU A 346 21.06 -16.37 2.56
CA LEU A 346 20.51 -15.54 3.51
C LEU A 346 19.41 -16.34 4.19
N LYS A 347 19.54 -16.49 5.50
CA LYS A 347 18.54 -17.24 6.24
C LYS A 347 17.22 -16.45 6.31
N THR A 348 16.10 -17.16 6.16
CA THR A 348 14.81 -16.56 6.38
C THR A 348 14.02 -17.39 7.44
N PHE A 349 12.98 -16.78 7.99
CA PHE A 349 12.20 -17.34 9.12
C PHE A 349 10.73 -17.40 8.72
N GLU A 350 10.19 -18.61 8.60
CA GLU A 350 8.78 -18.79 8.22
C GLU A 350 7.96 -18.55 9.46
N PRO A 351 6.91 -17.74 9.40
CA PRO A 351 6.04 -17.50 10.54
C PRO A 351 5.24 -18.77 10.85
N ARG A 352 4.96 -18.96 12.11
CA ARG A 352 4.05 -20.01 12.61
C ARG A 352 2.69 -19.40 12.91
N HIS A 353 1.62 -19.90 12.26
CA HIS A 353 0.29 -19.42 12.45
C HIS A 353 -0.25 -20.03 13.76
N PHE A 354 -1.03 -19.27 14.49
CA PHE A 354 -1.79 -19.76 15.65
C PHE A 354 -3.12 -19.09 15.75
N ARG A 355 -4.11 -19.82 16.25
CA ARG A 355 -5.38 -19.21 16.55
C ARG A 355 -5.48 -18.87 18.03
N PHE A 356 -6.29 -17.89 18.35
CA PHE A 356 -6.51 -17.54 19.74
C PHE A 356 -7.89 -16.94 19.92
N LYS A 357 -8.39 -16.99 21.15
CA LYS A 357 -9.68 -16.42 21.45
CA LYS A 357 -9.68 -16.42 21.49
C LYS A 357 -9.49 -15.01 22.02
N SER A 358 -10.40 -14.14 21.63
CA SER A 358 -10.42 -12.79 22.17
C SER A 358 -11.84 -12.31 22.31
N ILE A 359 -12.29 -12.24 23.55
CA ILE A 359 -13.63 -11.71 23.90
C ILE A 359 -14.59 -12.77 23.25
N ASP A 360 -15.32 -12.32 22.24
CA ASP A 360 -16.31 -13.06 21.48
C ASP A 360 -15.80 -13.69 20.18
N LEU A 361 -14.51 -13.57 19.82
CA LEU A 361 -14.06 -14.01 18.51
C LEU A 361 -12.89 -14.97 18.66
N GLU A 362 -12.63 -15.69 17.59
CA GLU A 362 -11.38 -16.46 17.39
C GLU A 362 -10.61 -15.80 16.27
N LEU A 363 -9.30 -15.50 16.48
CA LEU A 363 -8.52 -14.66 15.54
C LEU A 363 -7.24 -15.37 15.15
N ASP A 364 -6.63 -14.83 14.09
CA ASP A 364 -5.36 -15.28 13.58
C ASP A 364 -4.20 -14.46 14.17
N GLY A 365 -3.18 -15.21 14.64
CA GLY A 365 -1.88 -14.60 14.98
C GLY A 365 -0.81 -15.41 14.29
N TRP A 366 0.35 -14.79 14.20
CA TRP A 366 1.60 -15.43 13.80
C TRP A 366 2.80 -15.06 14.67
N TYR A 367 3.78 -15.96 14.71
CA TYR A 367 5.03 -15.55 15.31
C TYR A 367 6.20 -16.19 14.67
N ILE A 368 7.35 -15.53 14.82
CA ILE A 368 8.62 -16.05 14.36
C ILE A 368 9.51 -16.24 15.56
N LYS A 369 10.10 -17.42 15.63
CA LYS A 369 11.03 -17.81 16.72
C LYS A 369 12.49 -17.72 16.21
N PRO A 370 13.33 -16.91 16.92
CA PRO A 370 14.73 -16.76 16.52
C PRO A 370 15.53 -17.99 16.91
N GLU A 371 16.74 -18.05 16.39
CA GLU A 371 17.72 -19.13 16.70
C GLU A 371 18.10 -18.81 18.12
N ILE A 372 17.58 -19.67 18.97
CA ILE A 372 18.01 -19.73 20.30
C ILE A 372 18.11 -21.27 20.59
N LYS A 373 18.88 -21.58 21.62
CA LYS A 373 19.04 -23.00 22.11
C LYS A 373 18.05 -23.30 23.22
N GLU A 374 17.85 -24.60 23.58
CA GLU A 374 16.86 -25.00 24.63
C GLU A 374 16.93 -24.20 26.00
N GLY A 375 18.11 -23.78 26.44
CA GLY A 375 18.22 -23.02 27.75
C GLY A 375 18.10 -21.46 27.78
N GLU A 376 17.79 -20.86 26.65
CA GLU A 376 17.95 -19.42 26.59
C GLU A 376 16.54 -18.80 26.52
N LYS A 377 16.34 -17.55 26.97
CA LYS A 377 15.08 -16.79 26.60
C LYS A 377 15.37 -15.65 25.62
N ALA A 378 14.36 -15.15 24.92
CA ALA A 378 14.63 -14.15 23.92
C ALA A 378 13.60 -13.04 24.05
N PRO A 379 14.03 -11.79 23.75
CA PRO A 379 13.09 -10.68 23.74
C PRO A 379 12.07 -10.81 22.59
N VAL A 380 11.03 -9.99 22.67
CA VAL A 380 9.85 -10.10 21.78
C VAL A 380 9.55 -8.72 21.22
N ILE A 381 9.32 -8.63 19.90
CA ILE A 381 8.75 -7.44 19.30
C ILE A 381 7.35 -7.75 18.75
N VAL A 382 6.38 -6.99 19.25
CA VAL A 382 5.00 -7.05 18.76
C VAL A 382 4.87 -6.03 17.64
N PHE A 383 4.46 -6.51 16.43
CA PHE A 383 4.18 -5.59 15.36
C PHE A 383 2.66 -5.42 15.16
N VAL A 384 2.24 -4.19 14.90
CA VAL A 384 0.84 -3.91 14.66
C VAL A 384 0.69 -3.29 13.31
N HIS A 385 -0.17 -3.88 12.49
CA HIS A 385 -0.31 -3.35 11.13
C HIS A 385 -1.18 -2.07 11.12
N GLY A 386 -1.05 -1.34 10.01
CA GLY A 386 -1.83 -0.10 9.82
C GLY A 386 -3.30 -0.32 9.40
N GLY A 387 -3.95 0.78 9.06
CA GLY A 387 -5.26 0.70 8.55
C GLY A 387 -6.20 1.62 9.28
N PRO A 388 -7.17 1.09 10.03
CA PRO A 388 -7.17 -0.22 10.69
C PRO A 388 -7.43 -1.35 9.76
N LYS A 389 -8.01 -1.13 8.59
CA LYS A 389 -8.34 -2.24 7.66
C LYS A 389 -7.10 -2.59 6.78
N GLY A 390 -5.94 -2.71 7.43
CA GLY A 390 -4.82 -3.46 6.89
C GLY A 390 -4.87 -4.95 7.17
N MET A 391 -3.82 -5.66 6.79
CA MET A 391 -3.84 -7.09 7.01
C MET A 391 -2.40 -7.62 7.03
N TYR A 392 -2.05 -8.37 8.07
CA TYR A 392 -0.82 -9.11 8.10
C TYR A 392 -1.09 -10.57 7.68
N GLY A 393 0.01 -11.17 7.27
CA GLY A 393 0.00 -12.58 6.98
C GLY A 393 1.22 -13.00 6.20
N TYR A 394 1.04 -13.11 4.89
CA TYR A 394 2.05 -13.77 4.00
C TYR A 394 2.70 -12.92 2.94
N TYR A 395 2.97 -11.67 3.31
CA TYR A 395 3.83 -10.85 2.47
C TYR A 395 5.20 -10.67 3.17
N PHE A 396 6.17 -10.12 2.41
CA PHE A 396 7.51 -10.09 2.83
C PHE A 396 7.71 -8.84 3.65
N LYS A 397 7.97 -9.01 4.94
CA LYS A 397 8.11 -7.79 5.82
C LYS A 397 9.54 -7.70 6.36
N TYR A 398 10.32 -6.82 5.74
CA TYR A 398 11.76 -6.74 5.99
C TYR A 398 12.15 -6.65 7.45
N GLU A 399 11.44 -5.79 8.20
CA GLU A 399 11.84 -5.60 9.56
C GLU A 399 11.67 -6.88 10.37
N MET A 400 10.66 -7.73 9.99
CA MET A 400 10.44 -8.91 10.78
C MET A 400 11.54 -9.89 10.57
N GLN A 401 11.96 -10.11 9.31
CA GLN A 401 13.08 -10.97 9.03
C GLN A 401 14.37 -10.52 9.62
N LEU A 402 14.61 -9.20 9.52
CA LEU A 402 15.80 -8.59 10.06
C LEU A 402 15.86 -8.74 11.59
N MET A 403 14.77 -8.44 12.29
CA MET A 403 14.80 -8.59 13.75
C MET A 403 14.86 -10.00 14.27
N ALA A 404 14.20 -10.91 13.50
CA ALA A 404 14.33 -12.30 13.83
C ALA A 404 15.79 -12.77 13.79
N SER A 405 16.48 -12.30 12.74
CA SER A 405 17.88 -12.63 12.56
C SER A 405 18.77 -12.09 13.71
N LYS A 406 18.33 -11.03 14.36
CA LYS A 406 19.03 -10.44 15.49
C LYS A 406 18.58 -10.97 16.86
N GLY A 407 17.81 -12.06 16.89
CA GLY A 407 17.60 -12.80 18.13
C GLY A 407 16.28 -12.41 18.81
N TYR A 408 15.35 -11.84 18.05
CA TYR A 408 14.02 -11.48 18.60
C TYR A 408 12.89 -12.40 18.13
N TYR A 409 12.03 -12.77 19.05
CA TYR A 409 10.70 -13.23 18.66
C TYR A 409 9.98 -12.07 17.98
N ILE A 410 9.17 -12.40 17.00
CA ILE A 410 8.31 -11.44 16.30
C ILE A 410 6.87 -12.02 16.46
N VAL A 411 5.98 -11.15 16.90
CA VAL A 411 4.58 -11.58 17.07
C VAL A 411 3.66 -10.54 16.47
N TYR A 412 2.62 -11.00 15.81
CA TYR A 412 1.70 -10.08 15.13
C TYR A 412 0.32 -10.78 14.84
N VAL A 413 -0.77 -10.00 14.95
CA VAL A 413 -2.10 -10.59 14.75
C VAL A 413 -2.91 -9.73 13.83
N ASN A 414 -4.09 -10.28 13.45
CA ASN A 414 -5.09 -9.46 12.73
C ASN A 414 -6.26 -9.18 13.69
N PRO A 415 -6.25 -8.05 14.37
CA PRO A 415 -7.36 -7.79 15.33
C PRO A 415 -8.61 -7.46 14.55
N ARG A 416 -9.76 -7.44 15.20
CA ARG A 416 -10.93 -6.90 14.56
C ARG A 416 -10.68 -5.48 14.07
N GLY A 417 -11.26 -5.26 12.89
CA GLY A 417 -10.96 -4.12 12.06
C GLY A 417 -10.10 -4.48 10.85
N SER A 418 -9.33 -5.57 10.89
CA SER A 418 -8.43 -5.94 9.82
C SER A 418 -9.21 -6.32 8.58
N ASN A 419 -8.56 -6.17 7.45
CA ASN A 419 -9.00 -6.86 6.22
C ASN A 419 -8.75 -8.33 6.25
N GLY A 420 -9.46 -9.07 5.38
CA GLY A 420 -9.25 -10.46 5.19
C GLY A 420 -10.25 -11.42 5.76
N TYR A 421 -11.30 -10.87 6.36
CA TYR A 421 -12.30 -11.60 7.07
C TYR A 421 -13.66 -11.05 6.61
N SER A 422 -14.71 -11.30 7.39
CA SER A 422 -16.01 -10.82 7.07
C SER A 422 -16.02 -9.31 7.09
N GLU A 423 -16.98 -8.74 6.38
CA GLU A 423 -17.22 -7.32 6.43
C GLU A 423 -17.49 -6.84 7.87
N ASP A 424 -18.37 -7.54 8.56
CA ASP A 424 -18.74 -7.19 9.94
C ASP A 424 -17.46 -7.14 10.80
N PHE A 425 -16.53 -8.08 10.59
CA PHE A 425 -15.26 -8.09 11.38
C PHE A 425 -14.48 -6.83 11.17
N ALA A 426 -14.43 -6.37 9.89
CA ALA A 426 -13.82 -5.04 9.63
C ALA A 426 -14.50 -3.87 10.26
N LEU A 427 -15.82 -3.89 10.27
CA LEU A 427 -16.60 -2.76 10.76
C LEU A 427 -16.67 -2.66 12.27
N ARG A 428 -16.27 -3.73 12.92
CA ARG A 428 -16.29 -3.71 14.41
C ARG A 428 -15.46 -2.59 15.04
N VAL A 429 -14.41 -2.14 14.37
CA VAL A 429 -13.46 -1.17 14.91
C VAL A 429 -14.06 0.23 14.92
N LEU A 430 -15.10 0.47 14.06
CA LEU A 430 -15.56 1.89 13.87
C LEU A 430 -16.15 2.39 15.25
N GLU A 431 -15.66 3.57 15.63
CA GLU A 431 -15.95 4.23 16.89
C GLU A 431 -15.37 3.49 18.09
N ARG A 432 -14.52 2.49 17.86
CA ARG A 432 -13.98 1.65 18.94
C ARG A 432 -12.48 1.48 18.87
N THR A 433 -11.82 2.39 18.20
CA THR A 433 -10.32 2.32 18.14
C THR A 433 -9.65 2.33 19.54
N GLY A 434 -8.80 1.35 19.78
CA GLY A 434 -8.10 1.27 21.10
C GLY A 434 -8.87 0.46 22.12
N LEU A 435 -10.09 -0.01 21.76
CA LEU A 435 -10.92 -0.72 22.71
C LEU A 435 -10.78 -2.22 22.46
N GLU A 436 -11.75 -2.86 21.82
CA GLU A 436 -11.62 -4.33 21.61
C GLU A 436 -10.40 -4.70 20.74
N ASP A 437 -10.04 -3.90 19.74
CA ASP A 437 -8.89 -4.24 18.92
C ASP A 437 -7.59 -4.34 19.70
N PHE A 438 -7.37 -3.41 20.63
CA PHE A 438 -6.26 -3.48 21.51
C PHE A 438 -6.29 -4.69 22.42
N GLN A 439 -7.47 -5.03 22.88
CA GLN A 439 -7.66 -6.27 23.64
C GLN A 439 -7.29 -7.46 22.83
N ASP A 440 -7.63 -7.48 21.54
CA ASP A 440 -7.28 -8.61 20.65
C ASP A 440 -5.76 -8.78 20.60
N ILE A 441 -5.02 -7.68 20.51
CA ILE A 441 -3.55 -7.69 20.46
C ILE A 441 -2.99 -8.26 21.79
N LEU A 442 -3.52 -7.77 22.92
CA LEU A 442 -3.13 -8.33 24.23
C LEU A 442 -3.42 -9.82 24.38
N ASN A 443 -4.58 -10.23 23.89
CA ASN A 443 -4.95 -11.64 23.99
C ASN A 443 -4.08 -12.53 23.08
N GLY A 444 -3.69 -11.99 21.91
CA GLY A 444 -2.79 -12.69 21.04
C GLY A 444 -1.44 -12.89 21.62
N ILE A 445 -0.96 -11.84 22.25
CA ILE A 445 0.34 -11.89 22.93
C ILE A 445 0.29 -12.90 24.04
N GLU A 446 -0.79 -12.97 24.82
CA GLU A 446 -0.94 -13.87 25.93
C GLU A 446 -0.93 -15.30 25.46
N GLU A 447 -1.53 -15.57 24.32
CA GLU A 447 -1.53 -16.92 23.81
C GLU A 447 -0.16 -17.33 23.25
N PHE A 448 0.48 -16.37 22.55
CA PHE A 448 1.81 -16.57 22.06
C PHE A 448 2.77 -16.93 23.22
N LEU A 449 2.68 -16.20 24.32
CA LEU A 449 3.60 -16.46 25.48
C LEU A 449 3.40 -17.86 26.04
N ARG A 450 2.13 -18.31 26.06
CA ARG A 450 1.77 -19.65 26.44
C ARG A 450 2.40 -20.70 25.55
N LEU A 451 2.34 -20.45 24.26
CA LEU A 451 2.91 -21.33 23.25
C LEU A 451 4.49 -21.35 23.31
N GLU A 452 5.10 -20.26 23.76
CA GLU A 452 6.57 -20.09 23.68
C GLU A 452 7.11 -19.66 25.05
N PRO A 453 7.37 -20.64 25.88
CA PRO A 453 7.96 -20.26 27.17
C PRO A 453 9.35 -19.69 27.08
N GLN A 454 10.03 -19.88 25.96
CA GLN A 454 11.34 -19.21 25.80
C GLN A 454 11.25 -17.70 25.46
N ALA A 455 10.05 -17.18 25.25
CA ALA A 455 9.76 -15.79 25.00
C ALA A 455 9.83 -15.11 26.37
N ASP A 456 10.70 -14.09 26.48
CA ASP A 456 10.92 -13.35 27.73
C ASP A 456 9.85 -12.32 27.98
N ARG A 457 8.91 -12.65 28.87
CA ARG A 457 7.82 -11.78 29.21
C ARG A 457 8.28 -10.45 29.75
N GLU A 458 9.50 -10.36 30.28
CA GLU A 458 10.03 -9.15 30.80
C GLU A 458 10.70 -8.26 29.74
N ARG A 459 10.77 -8.72 28.48
CA ARG A 459 11.35 -7.88 27.41
C ARG A 459 10.47 -7.96 26.17
N ILE A 460 9.28 -7.40 26.28
CA ILE A 460 8.32 -7.27 25.16
C ILE A 460 8.24 -5.82 24.72
N GLY A 461 8.47 -5.58 23.44
CA GLY A 461 8.32 -4.24 22.87
C GLY A 461 7.22 -4.27 21.85
N ILE A 462 6.84 -3.12 21.34
CA ILE A 462 5.78 -2.96 20.40
C ILE A 462 6.07 -1.86 19.41
N THR A 463 5.75 -2.11 18.16
CA THR A 463 5.97 -1.13 17.10
C THR A 463 4.86 -1.18 16.03
N GLY A 464 4.67 -0.08 15.33
CA GLY A 464 3.83 -0.02 14.18
C GLY A 464 3.87 1.27 13.50
N ILE A 465 3.43 1.28 12.27
CA ILE A 465 3.32 2.46 11.43
C ILE A 465 1.85 2.81 11.21
N SER A 466 1.51 4.11 11.17
CA SER A 466 0.16 4.60 10.88
C SER A 466 -0.79 4.18 11.97
N TYR A 467 -1.84 3.40 11.66
CA TYR A 467 -2.73 2.91 12.73
C TYR A 467 -1.90 2.07 13.75
N GLY A 468 -0.79 1.44 13.26
CA GLY A 468 0.07 0.64 14.10
C GLY A 468 0.87 1.55 15.05
N GLY A 469 1.16 2.74 14.57
CA GLY A 469 1.81 3.81 15.39
C GLY A 469 0.86 4.35 16.44
N TYR A 470 -0.39 4.66 16.06
CA TYR A 470 -1.45 4.93 17.03
C TYR A 470 -1.43 3.87 18.10
N MET A 471 -1.50 2.60 17.67
CA MET A 471 -1.66 1.54 18.67
C MET A 471 -0.43 1.29 19.56
N THR A 472 0.75 1.58 19.06
CA THR A 472 1.96 1.61 19.86
C THR A 472 1.85 2.73 20.91
N ASN A 473 1.50 3.92 20.44
CA ASN A 473 1.25 5.05 21.38
C ASN A 473 0.28 4.67 22.48
N TRP A 474 -0.85 4.09 22.04
CA TRP A 474 -1.94 3.72 22.93
C TRP A 474 -1.54 2.69 23.90
N ALA A 475 -0.84 1.66 23.43
CA ALA A 475 -0.38 0.56 24.26
C ALA A 475 0.52 1.06 25.40
N LEU A 476 1.37 2.04 25.08
CA LEU A 476 2.30 2.51 26.12
C LEU A 476 1.58 3.37 27.12
N THR A 477 0.42 3.91 26.74
CA THR A 477 -0.39 4.67 27.67
C THR A 477 -1.40 3.84 28.45
N GLN A 478 -1.70 2.58 27.99
CA GLN A 478 -2.77 1.81 28.60
C GLN A 478 -2.29 0.52 29.24
N SER A 479 -1.04 0.12 29.06
CA SER A 479 -0.58 -1.13 29.58
C SER A 479 0.81 -0.91 30.14
N ASP A 480 1.15 -1.73 31.10
CA ASP A 480 2.48 -1.73 31.62
CA ASP A 480 2.46 -1.81 31.67
C ASP A 480 3.28 -2.95 31.10
N LEU A 481 2.74 -3.66 30.12
CA LEU A 481 3.42 -4.82 29.62
C LEU A 481 4.71 -4.53 28.86
N PHE A 482 4.77 -3.42 28.12
CA PHE A 482 5.81 -3.16 27.15
C PHE A 482 7.00 -2.38 27.70
N LYS A 483 8.19 -2.79 27.27
CA LYS A 483 9.45 -2.23 27.79
C LYS A 483 10.01 -1.10 26.90
N ALA A 484 9.54 -1.04 25.66
CA ALA A 484 9.97 -0.09 24.61
C ALA A 484 8.96 -0.05 23.53
N GLY A 485 8.89 1.06 22.84
CA GLY A 485 8.06 1.27 21.70
C GLY A 485 8.72 2.02 20.58
N ILE A 486 8.35 1.70 19.35
CA ILE A 486 8.72 2.50 18.15
C ILE A 486 7.45 2.81 17.45
N SER A 487 7.04 4.07 17.49
CA SER A 487 5.77 4.51 16.85
C SER A 487 6.11 5.36 15.65
N GLU A 488 5.56 5.01 14.49
CA GLU A 488 5.94 5.71 13.23
C GLU A 488 4.72 6.23 12.52
N ASN A 489 4.78 7.51 12.14
CA ASN A 489 3.81 8.10 11.26
C ASN A 489 2.37 7.79 11.77
N GLY A 490 2.21 7.97 13.09
CA GLY A 490 1.05 7.51 13.85
C GLY A 490 -0.05 8.52 14.07
N ILE A 491 -0.93 8.20 14.97
CA ILE A 491 -1.88 9.12 15.56
C ILE A 491 -1.76 9.13 17.05
N SER A 492 -1.66 10.35 17.57
CA SER A 492 -1.78 10.70 18.98
C SER A 492 -3.08 11.46 19.32
N TYR A 493 -3.64 12.20 18.37
CA TYR A 493 -4.85 12.94 18.62
C TYR A 493 -5.79 12.93 17.49
N TRP A 494 -6.95 12.25 17.65
CA TRP A 494 -7.87 12.16 16.54
C TRP A 494 -8.43 13.49 16.04
N LEU A 495 -8.59 14.50 16.87
CA LEU A 495 -9.25 15.67 16.39
C LEU A 495 -8.40 16.37 15.34
N THR A 496 -7.06 16.42 15.53
CA THR A 496 -6.21 16.98 14.50
C THR A 496 -6.10 16.12 13.25
N SER A 497 -6.23 14.78 13.41
CA SER A 497 -6.35 13.95 12.24
C SER A 497 -7.56 14.37 11.40
N TYR A 498 -8.73 14.47 12.03
CA TYR A 498 -9.93 14.97 11.34
C TYR A 498 -9.71 16.22 10.51
N ALA A 499 -9.15 17.26 11.22
CA ALA A 499 -9.09 18.57 10.65
C ALA A 499 -7.84 18.92 9.80
N PHE A 500 -6.76 18.21 10.01
CA PHE A 500 -5.49 18.46 9.32
C PHE A 500 -5.10 17.50 8.25
N SER A 501 -5.45 16.22 8.38
CA SER A 501 -4.99 15.22 7.42
C SER A 501 -5.72 15.27 6.11
N ASP A 502 -5.12 14.63 5.13
CA ASP A 502 -5.72 14.61 3.81
C ASP A 502 -7.13 14.02 3.75
N ILE A 503 -7.32 12.90 4.45
CA ILE A 503 -8.59 12.19 4.39
C ILE A 503 -9.46 12.38 5.61
N GLY A 504 -9.01 13.19 6.57
CA GLY A 504 -9.69 13.23 7.80
C GLY A 504 -11.10 13.70 7.82
N LEU A 505 -11.46 14.61 6.92
CA LEU A 505 -12.78 15.24 7.02
C LEU A 505 -13.89 14.15 6.89
N TRP A 506 -13.62 13.12 6.09
CA TRP A 506 -14.59 12.05 5.94
C TRP A 506 -14.17 10.81 6.64
N PHE A 507 -12.91 10.42 6.64
CA PHE A 507 -12.54 9.16 7.21
C PHE A 507 -12.59 9.14 8.74
N ASP A 508 -12.16 10.20 9.41
CA ASP A 508 -12.25 10.22 10.85
C ASP A 508 -13.71 10.18 11.31
N LYS A 509 -14.60 10.82 10.56
CA LYS A 509 -16.07 10.78 10.90
C LYS A 509 -16.55 9.31 11.01
N GLU A 510 -16.03 8.50 10.12
CA GLU A 510 -16.39 7.10 10.06
C GLU A 510 -15.69 6.27 11.14
N VAL A 511 -14.34 6.46 11.24
CA VAL A 511 -13.57 5.56 12.11
C VAL A 511 -13.62 5.95 13.62
N ILE A 512 -13.69 7.25 13.90
CA ILE A 512 -13.76 7.82 15.23
C ILE A 512 -15.21 8.24 15.61
N GLY A 513 -15.87 9.00 14.76
CA GLY A 513 -17.25 9.37 14.98
C GLY A 513 -17.66 10.69 14.37
N ASP A 514 -18.97 10.84 14.30
CA ASP A 514 -19.58 12.12 13.82
C ASP A 514 -19.42 13.25 14.84
N ASN A 515 -19.77 14.44 14.35
CA ASN A 515 -19.72 15.67 15.12
C ASN A 515 -18.39 15.82 15.83
N PRO A 516 -17.26 15.75 15.09
CA PRO A 516 -15.99 15.76 15.80
C PRO A 516 -15.67 16.88 16.76
N LEU A 517 -16.22 18.07 16.53
CA LEU A 517 -15.86 19.18 17.41
C LEU A 517 -16.60 19.00 18.77
N GLU A 518 -17.64 18.16 18.83
CA GLU A 518 -18.31 17.93 20.12
C GLU A 518 -18.21 16.49 20.64
N ASN A 519 -17.71 15.55 19.84
CA ASN A 519 -17.67 14.13 20.21
C ASN A 519 -16.51 13.79 21.16
N GLU A 520 -16.86 13.40 22.40
CA GLU A 520 -15.85 13.08 23.41
CA GLU A 520 -15.86 13.07 23.42
C GLU A 520 -14.94 11.93 23.03
N ASN A 521 -15.32 11.12 22.05
CA ASN A 521 -14.44 10.01 21.69
C ASN A 521 -13.11 10.50 21.08
N TYR A 522 -13.09 11.71 20.54
CA TYR A 522 -11.90 12.26 19.95
C TYR A 522 -10.79 12.51 20.97
N ARG A 523 -11.19 12.72 22.23
CA ARG A 523 -10.22 12.80 23.32
C ARG A 523 -10.07 11.46 24.02
N LYS A 524 -11.18 10.76 24.27
CA LYS A 524 -11.16 9.53 25.00
C LYS A 524 -10.29 8.42 24.35
N LEU A 525 -10.29 8.36 23.04
CA LEU A 525 -9.52 7.35 22.38
C LEU A 525 -8.17 7.85 21.79
N SER A 526 -7.68 9.00 22.30
CA SER A 526 -6.44 9.58 21.81
C SER A 526 -5.32 9.43 22.81
N PRO A 527 -4.21 8.83 22.40
CA PRO A 527 -3.03 8.65 23.32
C PRO A 527 -2.53 9.96 23.99
N LEU A 528 -2.61 11.07 23.27
CA LEU A 528 -2.10 12.33 23.79
C LEU A 528 -2.58 12.61 25.20
N PHE A 529 -3.84 12.33 25.46
CA PHE A 529 -4.45 12.72 26.72
C PHE A 529 -4.03 11.81 27.90
N TYR A 530 -3.38 10.70 27.59
CA TYR A 530 -2.91 9.74 28.58
C TYR A 530 -1.43 9.63 28.65
N ALA A 531 -0.76 10.65 28.08
CA ALA A 531 0.74 10.71 28.10
C ALA A 531 1.35 10.50 29.48
N LYS A 532 0.72 10.99 30.53
CA LYS A 532 1.29 10.83 31.89
C LYS A 532 1.52 9.36 32.28
N ASN A 533 0.80 8.46 31.65
CA ASN A 533 0.88 7.06 31.98
C ASN A 533 2.10 6.35 31.44
N VAL A 534 2.75 6.94 30.46
CA VAL A 534 3.86 6.26 29.75
C VAL A 534 5.04 6.01 30.69
N LYS A 535 5.56 4.80 30.66
CA LYS A 535 6.72 4.45 31.47
C LYS A 535 7.86 3.87 30.64
N ALA A 536 7.60 3.45 29.41
CA ALA A 536 8.60 2.80 28.58
C ALA A 536 9.23 3.76 27.62
N PRO A 537 10.53 3.65 27.37
CA PRO A 537 11.14 4.51 26.33
C PRO A 537 10.50 4.36 24.96
N LEU A 538 10.34 5.47 24.31
CA LEU A 538 9.62 5.53 23.03
C LEU A 538 10.45 6.32 21.99
N LEU A 539 10.55 5.76 20.82
CA LEU A 539 11.09 6.43 19.62
C LEU A 539 9.95 6.69 18.73
N LEU A 540 9.79 7.96 18.41
CA LEU A 540 8.82 8.44 17.41
C LEU A 540 9.54 8.71 16.11
N ILE A 541 9.00 8.15 14.99
CA ILE A 541 9.55 8.40 13.68
C ILE A 541 8.46 9.06 12.88
N HIS A 542 8.83 10.10 12.14
CA HIS A 542 7.88 10.79 11.27
C HIS A 542 8.60 11.29 10.05
N SER A 543 7.84 11.61 8.98
CA SER A 543 8.42 12.18 7.80
C SER A 543 7.67 13.39 7.38
N LEU A 544 8.35 14.32 6.78
CA LEU A 544 7.77 15.70 6.54
C LEU A 544 6.77 15.80 5.43
N GLU A 545 6.65 14.75 4.59
CA GLU A 545 5.70 14.81 3.49
C GLU A 545 4.55 13.86 3.73
N ASP A 546 4.41 13.36 4.96
CA ASP A 546 3.29 12.50 5.32
C ASP A 546 2.04 13.37 5.59
N TYR A 547 1.12 13.42 4.63
CA TYR A 547 -0.13 14.17 4.81
C TYR A 547 -1.29 13.33 5.27
N ARG A 548 -1.09 12.02 5.30
CA ARG A 548 -2.06 11.09 5.84
C ARG A 548 -2.16 11.12 7.36
N CYS A 549 -0.97 11.19 7.97
CA CYS A 549 -0.78 11.43 9.39
C CYS A 549 0.26 12.55 9.47
N PRO A 550 -0.25 13.77 9.56
CA PRO A 550 0.71 14.86 9.58
C PRO A 550 1.57 14.89 10.83
N LEU A 551 2.62 15.71 10.68
CA LEU A 551 3.72 15.84 11.72
C LEU A 551 3.26 16.01 13.14
N ASP A 552 2.20 16.80 13.35
CA ASP A 552 1.65 17.10 14.65
C ASP A 552 1.41 15.80 15.44
N GLN A 553 1.02 14.77 14.71
CA GLN A 553 0.67 13.51 15.39
C GLN A 553 1.84 12.92 16.17
N SER A 554 3.03 13.05 15.67
CA SER A 554 4.26 12.63 16.37
C SER A 554 4.81 13.75 17.22
N LEU A 555 4.89 14.95 16.67
CA LEU A 555 5.62 16.01 17.40
C LEU A 555 4.87 16.48 18.65
N MET A 556 3.53 16.52 18.58
CA MET A 556 2.77 16.90 19.77
C MET A 556 2.98 15.90 20.88
N PHE A 557 2.92 14.60 20.56
CA PHE A 557 3.12 13.52 21.49
C PHE A 557 4.54 13.59 22.09
N TYR A 558 5.53 13.81 21.26
CA TYR A 558 6.89 14.04 21.68
C TYR A 558 7.02 15.21 22.66
N HIS A 559 6.52 16.41 22.28
CA HIS A 559 6.63 17.55 23.20
C HIS A 559 5.95 17.36 24.56
N VAL A 560 4.74 16.78 24.49
CA VAL A 560 3.94 16.59 25.69
C VAL A 560 4.61 15.56 26.56
N LEU A 561 5.08 14.46 26.00
CA LEU A 561 5.85 13.46 26.79
C LEU A 561 7.14 14.08 27.43
N LYS A 562 7.84 14.95 26.72
CA LYS A 562 8.96 15.62 27.29
C LYS A 562 8.51 16.59 28.43
N ASP A 563 7.36 17.25 28.24
CA ASP A 563 6.83 18.21 29.25
C ASP A 563 6.53 17.46 30.56
N LEU A 564 6.31 16.12 30.40
CA LEU A 564 5.95 15.23 31.52
C LEU A 564 7.18 14.44 31.99
N GLY A 565 8.37 14.80 31.53
CA GLY A 565 9.60 14.15 32.03
C GLY A 565 9.84 12.73 31.51
N LYS A 566 9.25 12.34 30.41
CA LYS A 566 9.42 10.95 29.89
C LYS A 566 10.65 10.85 29.00
N GLU A 567 11.16 9.65 28.90
CA GLU A 567 12.23 9.33 28.00
C GLU A 567 11.62 9.06 26.63
N VAL A 568 11.83 9.97 25.70
CA VAL A 568 11.25 9.94 24.37
C VAL A 568 12.22 10.62 23.40
N TYR A 569 12.22 10.17 22.16
CA TYR A 569 13.09 10.63 21.14
C TYR A 569 12.25 10.78 19.86
N ILE A 570 12.64 11.67 19.01
CA ILE A 570 11.98 11.86 17.70
C ILE A 570 12.93 12.01 16.55
N ALA A 571 12.66 11.16 15.50
CA ALA A 571 13.42 11.20 14.25
C ALA A 571 12.47 11.72 13.19
N ILE A 572 12.78 12.88 12.60
CA ILE A 572 11.93 13.54 11.62
C ILE A 572 12.65 13.50 10.29
N PHE A 573 12.23 12.57 9.42
CA PHE A 573 12.85 12.47 8.11
C PHE A 573 12.36 13.62 7.22
N LYS A 574 13.31 14.25 6.60
CA LYS A 574 13.14 15.53 5.92
C LYS A 574 12.32 15.35 4.65
N LYS A 575 12.38 14.16 4.05
CA LYS A 575 11.54 13.82 2.90
CA LYS A 575 11.55 13.82 2.89
C LYS A 575 10.77 12.56 3.22
N GLY A 576 9.73 12.32 2.45
CA GLY A 576 9.00 11.10 2.53
C GLY A 576 7.53 11.26 2.92
N ALA A 577 6.67 10.50 2.26
CA ALA A 577 5.21 10.44 2.53
C ALA A 577 4.95 9.36 3.55
N HIS A 578 3.70 8.99 3.68
CA HIS A 578 3.24 8.03 4.69
C HIS A 578 3.97 6.70 4.59
N GLY A 579 4.24 6.31 3.35
CA GLY A 579 4.90 5.02 3.08
C GLY A 579 6.42 5.08 2.97
N HIS A 580 7.06 6.11 3.51
CA HIS A 580 8.51 6.31 3.30
C HIS A 580 9.39 5.16 3.78
N SER A 581 8.87 4.31 4.68
CA SER A 581 9.71 3.23 5.25
C SER A 581 10.07 2.29 4.08
N ILE A 582 9.14 2.21 3.13
CA ILE A 582 9.34 1.35 1.92
C ILE A 582 9.56 2.14 0.65
N ARG A 583 9.20 3.43 0.60
CA ARG A 583 9.32 4.22 -0.66
C ARG A 583 10.26 5.39 -0.64
N GLY A 584 10.87 5.68 0.53
CA GLY A 584 11.88 6.73 0.66
C GLY A 584 13.10 6.38 -0.15
N SER A 585 14.02 7.32 -0.24
CA SER A 585 15.24 7.09 -0.98
C SER A 585 16.02 5.93 -0.29
N PRO A 586 16.84 5.21 -1.04
CA PRO A 586 17.57 4.10 -0.45
C PRO A 586 18.33 4.53 0.85
N ARG A 587 19.03 5.66 0.78
CA ARG A 587 19.83 6.07 1.96
C ARG A 587 18.98 6.44 3.16
N HIS A 588 17.90 7.16 2.90
CA HIS A 588 16.87 7.40 3.90
C HIS A 588 16.36 6.11 4.58
N ARG A 589 16.01 5.11 3.74
CA ARG A 589 15.51 3.89 4.28
C ARG A 589 16.52 3.10 5.07
N MET A 590 17.76 3.08 4.61
CA MET A 590 18.88 2.43 5.33
CA MET A 590 18.89 2.43 5.35
C MET A 590 19.02 3.02 6.76
N LYS A 591 18.93 4.36 6.83
CA LYS A 591 19.13 5.09 8.13
C LYS A 591 17.94 4.79 9.02
N ARG A 592 16.73 4.71 8.47
CA ARG A 592 15.59 4.30 9.29
C ARG A 592 15.75 2.90 9.81
N TYR A 593 16.14 1.95 8.94
CA TYR A 593 16.32 0.59 9.43
C TYR A 593 17.37 0.50 10.53
N LYS A 594 18.46 1.28 10.42
CA LYS A 594 19.53 1.18 11.39
C LYS A 594 19.05 1.79 12.72
N LEU A 595 18.28 2.92 12.66
CA LEU A 595 17.66 3.51 13.88
CA LEU A 595 17.68 3.50 13.87
C LEU A 595 16.72 2.52 14.58
N PHE A 596 15.89 1.88 13.77
CA PHE A 596 14.90 0.95 14.27
C PHE A 596 15.62 -0.17 15.01
N MET A 597 16.60 -0.79 14.36
CA MET A 597 17.22 -1.93 14.99
CA MET A 597 17.36 -1.88 14.93
C MET A 597 18.01 -1.51 16.22
N GLU A 598 18.69 -0.39 16.16
CA GLU A 598 19.47 0.01 17.33
C GLU A 598 18.67 0.47 18.53
N PHE A 599 17.52 1.07 18.29
CA PHE A 599 16.61 1.44 19.42
C PHE A 599 16.17 0.21 20.16
N PHE A 600 15.76 -0.86 19.43
CA PHE A 600 15.40 -2.08 20.13
C PHE A 600 16.59 -2.79 20.77
N GLU A 601 17.77 -2.78 20.12
CA GLU A 601 18.99 -3.36 20.72
C GLU A 601 19.27 -2.68 22.09
N ARG A 602 19.13 -1.36 22.13
CA ARG A 602 19.57 -0.54 23.24
C ARG A 602 18.48 -0.22 24.28
N LYS A 603 17.22 -0.56 23.98
CA LYS A 603 16.15 -0.26 24.87
C LYS A 603 15.33 -1.48 25.25
N LEU A 604 15.36 -2.47 24.41
CA LEU A 604 14.55 -3.68 24.61
C LEU A 604 15.40 -4.92 24.97
N LYS A 605 16.34 -5.28 24.08
CA LYS A 605 17.16 -6.45 24.36
C LYS A 605 17.97 -6.26 25.66
N LYS A 606 18.55 -5.06 25.78
CA LYS A 606 19.32 -4.68 27.00
C LYS A 606 19.30 -3.17 27.16
N TYR A 607 18.60 -2.70 28.19
CA TYR A 607 18.40 -1.26 28.37
C TYR A 607 19.70 -0.56 28.69
N GLU A 608 20.00 0.51 27.98
CA GLU A 608 21.08 1.39 28.39
C GLU A 608 20.58 2.83 28.28
N GLU A 609 21.21 3.72 29.07
CA GLU A 609 20.73 5.08 29.00
C GLU A 609 21.07 5.83 27.72
N GLY A 610 20.22 6.79 27.39
CA GLY A 610 20.45 7.74 26.29
C GLY A 610 20.29 7.07 24.92
N PHE A 611 20.51 7.88 23.86
CA PHE A 611 20.54 7.39 22.52
C PHE A 611 21.38 8.39 21.69
N ASP A 612 22.70 8.17 21.70
CA ASP A 612 23.64 9.04 20.98
C ASP A 612 23.62 8.67 19.52
N VAL A 613 22.70 9.25 18.78
CA VAL A 613 22.47 8.85 17.39
C VAL A 613 23.74 9.11 16.51
N GLU A 614 24.57 10.10 16.84
CA GLU A 614 25.77 10.37 16.03
C GLU A 614 26.72 9.11 16.06
N LYS A 615 26.94 8.64 17.29
CA LYS A 615 27.80 7.47 17.58
C LYS A 615 27.18 6.18 17.07
N ILE A 616 25.89 5.99 17.41
CA ILE A 616 25.18 4.73 17.14
C ILE A 616 25.09 4.53 15.62
N LEU A 617 24.91 5.62 14.85
CA LEU A 617 24.79 5.52 13.37
C LEU A 617 26.08 5.64 12.57
N LYS A 618 27.18 6.14 13.16
CA LYS A 618 28.42 6.25 12.37
C LYS A 618 29.64 6.09 13.27
N3 Y3A B . -5.93 3.85 4.17
CA3 Y3A B . -6.19 4.16 5.59
C3 Y3A B . -4.96 4.96 6.06
O3 Y3A B . -4.16 5.55 5.36
C4 Y3A B . -2.26 4.37 8.03
O4 Y3A B . -2.67 3.21 8.66
CA4 Y3A B . -3.40 5.36 8.08
N4 Y3A B . -4.58 4.64 7.53
CB4 Y3A B . -3.93 5.73 9.50
CG4 Y3A B . -5.07 6.69 9.49
CD1 Y3A B . -5.01 8.01 9.03
CD2 Y3A B . -6.28 6.30 10.04
CE1 Y3A B . -6.08 8.89 9.05
CE2 Y3A B . -7.37 7.16 10.08
CZ4 Y3A B . -7.28 8.42 9.57
C15 Y3A B . -1.43 4.34 6.69
MG MG C . -22.91 -6.45 7.92
MG MG D . -11.94 -1.19 0.21
MG MG E . 23.65 -2.09 -5.36
MG MG F . 8.77 12.19 -31.46
MG MG G . 3.46 22.89 -8.20
O1 HEZ H . -22.22 -4.22 11.11
C1 HEZ H . -22.27 -2.83 10.90
C2 HEZ H . -21.60 -2.09 12.04
C3 HEZ H . -21.47 -0.63 11.77
C4 HEZ H . -20.93 0.12 12.98
C5 HEZ H . -20.86 1.56 12.71
C6 HEZ H . -20.27 2.38 13.89
O6 HEZ H . -20.42 3.78 13.49
O1 HEZ I . -20.70 -1.56 16.54
C1 HEZ I . -21.31 -0.66 17.50
C2 HEZ I . -20.87 0.80 17.26
C3 HEZ I . -20.09 1.42 18.44
C4 HEZ I . -20.66 2.74 18.89
C5 HEZ I . -19.79 3.32 19.99
C6 HEZ I . -20.07 4.81 20.20
O6 HEZ I . -19.24 5.36 21.25
O1 HEZ J . -7.97 -3.60 -9.92
C1 HEZ J . -8.91 -2.66 -9.73
C2 HEZ J . -9.05 -2.42 -8.27
C3 HEZ J . -7.87 -1.73 -7.69
C4 HEZ J . -8.43 -0.66 -6.78
C5 HEZ J . -7.36 -0.27 -5.79
C6 HEZ J . -8.01 0.62 -4.73
O6 HEZ J . -8.02 -0.03 -3.45
O1 HEZ K . 5.96 -3.03 5.48
C1 HEZ K . 4.53 -2.98 5.44
C2 HEZ K . 4.11 -1.70 4.74
C3 HEZ K . 4.53 -0.51 5.60
C4 HEZ K . 4.20 0.80 4.91
C5 HEZ K . 3.03 1.38 5.66
C6 HEZ K . 2.74 2.85 5.43
O6 HEZ K . 1.34 3.00 5.59
O1 HEZ L . 12.70 0.86 31.26
C1 HEZ L . 11.35 1.13 31.76
C2 HEZ L . 10.40 -0.06 31.63
C3 HEZ L . 8.90 0.17 31.50
C4 HEZ L . 8.03 -0.11 32.70
C5 HEZ L . 6.82 -0.94 32.28
C6 HEZ L . 5.42 -0.31 32.46
O6 HEZ L . 4.78 -0.84 33.64
O1 HEZ M . 3.88 15.30 7.99
C1 HEZ M . 3.30 16.67 8.27
C2 HEZ M . 3.44 17.92 7.45
C3 HEZ M . 3.07 19.14 8.32
C4 HEZ M . 4.20 20.08 8.75
C5 HEZ M . 3.75 21.49 9.20
C6 HEZ M . 4.92 22.46 9.43
O6 HEZ M . 4.89 23.62 8.54
O1 HEZ N . -5.74 10.42 31.69
C1 HEZ N . -7.04 10.41 32.27
C2 HEZ N . -8.16 10.54 31.22
C3 HEZ N . -7.82 11.31 29.95
C4 HEZ N . -8.98 11.14 28.97
C5 HEZ N . -9.38 12.43 28.27
C6 HEZ N . -10.45 13.18 29.06
O6 HEZ N . -11.22 13.96 28.16
O1 HEZ O . 9.10 -23.59 20.03
C1 HEZ O . 9.11 -24.42 18.82
C2 HEZ O . 8.33 -23.94 17.58
C3 HEZ O . 8.88 -22.74 16.79
C4 HEZ O . 8.06 -22.34 15.59
C5 HEZ O . 8.90 -21.66 14.51
C6 HEZ O . 8.52 -20.20 14.20
O6 HEZ O . 9.69 -19.51 13.63
O1 HEZ P . -10.87 0.78 4.02
C1 HEZ P . -10.64 2.11 4.51
C2 HEZ P . -10.54 3.07 3.29
C3 HEZ P . -9.55 4.22 3.42
C4 HEZ P . -9.19 4.73 2.01
C5 HEZ P . -8.27 5.95 1.99
C6 HEZ P . -6.79 5.64 1.70
O6 HEZ P . -6.20 6.33 0.56
O1 HEZ Q . -13.45 -22.04 -5.78
C1 HEZ Q . -14.42 -21.03 -5.58
C2 HEZ Q . -14.33 -20.54 -4.14
C3 HEZ Q . -14.74 -19.09 -3.98
C4 HEZ Q . -13.98 -18.41 -2.85
C5 HEZ Q . -14.89 -17.85 -1.77
C6 HEZ Q . -14.11 -16.80 -1.04
O6 HEZ Q . -12.90 -17.51 -0.86
CL CL R . 3.97 4.64 -35.26
#